data_1AE4
# 
_entry.id   1AE4 
# 
_audit_conform.dict_name       mmcif_pdbx.dic 
_audit_conform.dict_version    5.389 
_audit_conform.dict_location   http://mmcif.pdb.org/dictionaries/ascii/mmcif_pdbx.dic 
# 
loop_
_database_2.database_id 
_database_2.database_code 
_database_2.pdbx_database_accession 
_database_2.pdbx_DOI 
PDB   1AE4         pdb_00001ae4 10.2210/pdb1ae4/pdb 
WWPDB D_1000170704 ?            ?                   
# 
loop_
_pdbx_audit_revision_history.ordinal 
_pdbx_audit_revision_history.data_content_type 
_pdbx_audit_revision_history.major_revision 
_pdbx_audit_revision_history.minor_revision 
_pdbx_audit_revision_history.revision_date 
1 'Structure model' 1 0 1998-03-11 
2 'Structure model' 1 1 2008-03-24 
3 'Structure model' 1 2 2011-07-13 
4 'Structure model' 1 3 2024-02-07 
5 'Structure model' 1 4 2024-04-03 
# 
_pdbx_audit_revision_details.ordinal             1 
_pdbx_audit_revision_details.revision_ordinal    1 
_pdbx_audit_revision_details.data_content_type   'Structure model' 
_pdbx_audit_revision_details.provider            repository 
_pdbx_audit_revision_details.type                'Initial release' 
_pdbx_audit_revision_details.description         ? 
_pdbx_audit_revision_details.details             ? 
# 
loop_
_pdbx_audit_revision_group.ordinal 
_pdbx_audit_revision_group.revision_ordinal 
_pdbx_audit_revision_group.data_content_type 
_pdbx_audit_revision_group.group 
1 2 'Structure model' 'Version format compliance' 
2 3 'Structure model' 'Version format compliance' 
3 4 'Structure model' 'Data collection'           
4 4 'Structure model' 'Database references'       
5 4 'Structure model' 'Derived calculations'      
6 4 'Structure model' Other                       
7 5 'Structure model' 'Refinement description'    
# 
loop_
_pdbx_audit_revision_category.ordinal 
_pdbx_audit_revision_category.revision_ordinal 
_pdbx_audit_revision_category.data_content_type 
_pdbx_audit_revision_category.category 
1 4 'Structure model' chem_comp_atom                
2 4 'Structure model' chem_comp_bond                
3 4 'Structure model' database_2                    
4 4 'Structure model' pdbx_database_status          
5 4 'Structure model' struct_site                   
6 5 'Structure model' pdbx_initial_refinement_model 
# 
loop_
_pdbx_audit_revision_item.ordinal 
_pdbx_audit_revision_item.revision_ordinal 
_pdbx_audit_revision_item.data_content_type 
_pdbx_audit_revision_item.item 
1 4 'Structure model' '_database_2.pdbx_DOI'                
2 4 'Structure model' '_database_2.pdbx_database_accession' 
3 4 'Structure model' '_pdbx_database_status.process_site'  
4 4 'Structure model' '_struct_site.pdbx_auth_asym_id'      
5 4 'Structure model' '_struct_site.pdbx_auth_comp_id'      
6 4 'Structure model' '_struct_site.pdbx_auth_seq_id'       
# 
_pdbx_database_status.status_code                     REL 
_pdbx_database_status.entry_id                        1AE4 
_pdbx_database_status.recvd_initial_deposition_date   1997-03-05 
_pdbx_database_status.deposit_site                    ? 
_pdbx_database_status.process_site                    BNL 
_pdbx_database_status.SG_entry                        . 
_pdbx_database_status.pdb_format_compatible           Y 
_pdbx_database_status.status_code_mr                  ? 
_pdbx_database_status.status_code_sf                  ? 
_pdbx_database_status.status_code_cs                  ? 
_pdbx_database_status.status_code_nmr_data            ? 
_pdbx_database_status.methods_development_category    ? 
# 
_audit_author.name           'El-Kabbani, O.' 
_audit_author.pdbx_ordinal   1 
# 
loop_
_citation.id 
_citation.title 
_citation.journal_abbrev 
_citation.journal_volume 
_citation.page_first 
_citation.page_last 
_citation.year 
_citation.journal_id_ASTM 
_citation.country 
_citation.journal_id_ISSN 
_citation.journal_id_CSD 
_citation.book_publisher 
_citation.pdbx_database_id_PubMed 
_citation.pdbx_database_id_DOI 
primary 
'Studies on the inhibitor-binding site of porcine aldehyde reductase: crystal structure of the holoenzyme-inhibitor ternary complex.' 
Proteins         29 186 192 1997 PSFGEY US 0887-3585 0867 ? 9329083 
'10.1002/(SICI)1097-0134(199710)29:2<186::AID-PROT6>3.0.CO;2-B' 
1       'Structure of Porcine Aldehyde Reductase Holoenzyme' Nat.Struct.Biol. 2  687 ?   1995 NSBIEW US 1072-8368 2024 ? ?       ? 
# 
loop_
_citation_author.citation_id 
_citation_author.name 
_citation_author.ordinal 
_citation_author.identifier_ORCID 
primary 'el-Kabbani, O.'    1  ? 
primary 'Carper, D.A.'      2  ? 
primary 'McGowan, M.H.'     3  ? 
primary 'Devedjiev, Y.'     4  ? 
primary 'Rees-Milton, K.J.' 5  ? 
primary 'Flynn, T.G.'       6  ? 
1       'El-Kabbani, O.'    7  ? 
1       'Judge, K.'         8  ? 
1       'Ginell, S.L.'      9  ? 
1       'Myles, D.A.'       10 ? 
1       'Delucas, L.J.'     11 ? 
1       'Flynn, T.G.'       12 ? 
# 
loop_
_entity.id 
_entity.type 
_entity.src_method 
_entity.pdbx_description 
_entity.formula_weight 
_entity.pdbx_number_of_molecules 
_entity.pdbx_ec 
_entity.pdbx_mutation 
_entity.pdbx_fragment 
_entity.details 
1 polymer     nat 'ALDEHYDE REDUCTASE'                               36583.883 1 1.1.1.2 ? ? ? 
2 non-polymer syn 'NADP NICOTINAMIDE-ADENINE-DINUCLEOTIDE PHOSPHATE' 743.405   1 ?       ? ? ? 
3 non-polymer syn TOLRESTAT                                          357.347   1 ?       ? ? ? 
# 
_entity_name_com.entity_id   1 
_entity_name_com.name        ALR1 
# 
_entity_poly.entity_id                      1 
_entity_poly.type                           'polypeptide(L)' 
_entity_poly.nstd_linkage                   no 
_entity_poly.nstd_monomer                   no 
_entity_poly.pdbx_seq_one_letter_code       
;MAASCVLLHTGQKMPLIGLGTWKSEPGQVKAAIKYALTVGYRHIDCAAIYGNELEIGEALTETVGPGKAVPREELFVTSK
LWNTKHHPEDVEPALRKTLADLQLEYLDLYLMHWPYAFERGDNPFPKNADGTIRYDATHYKDTWKALEALVAKGLVRALG
LSNFSSRQIDDVLSVASVRPAVLQVECHPYLAQNELIAHCQARGLEVTAYSPLGSSDRAWRDPNEPVLLEEPVVQALAEK
YNRSPAQILLRWQVQRKVICIPKSVTPSRIPQNIQVFDFTFSPEEMKQLDALNKNLRFIVPMLTVDGKRVPRDAGHPLYP
FNDPY
;
_entity_poly.pdbx_seq_one_letter_code_can   
;MAASCVLLHTGQKMPLIGLGTWKSEPGQVKAAIKYALTVGYRHIDCAAIYGNELEIGEALTETVGPGKAVPREELFVTSK
LWNTKHHPEDVEPALRKTLADLQLEYLDLYLMHWPYAFERGDNPFPKNADGTIRYDATHYKDTWKALEALVAKGLVRALG
LSNFSSRQIDDVLSVASVRPAVLQVECHPYLAQNELIAHCQARGLEVTAYSPLGSSDRAWRDPNEPVLLEEPVVQALAEK
YNRSPAQILLRWQVQRKVICIPKSVTPSRIPQNIQVFDFTFSPEEMKQLDALNKNLRFIVPMLTVDGKRVPRDAGHPLYP
FNDPY
;
_entity_poly.pdbx_strand_id                 A 
_entity_poly.pdbx_target_identifier         ? 
# 
loop_
_pdbx_entity_nonpoly.entity_id 
_pdbx_entity_nonpoly.name 
_pdbx_entity_nonpoly.comp_id 
2 'NADP NICOTINAMIDE-ADENINE-DINUCLEOTIDE PHOSPHATE' NAP 
3 TOLRESTAT                                          TOL 
# 
loop_
_entity_poly_seq.entity_id 
_entity_poly_seq.num 
_entity_poly_seq.mon_id 
_entity_poly_seq.hetero 
1 1   MET n 
1 2   ALA n 
1 3   ALA n 
1 4   SER n 
1 5   CYS n 
1 6   VAL n 
1 7   LEU n 
1 8   LEU n 
1 9   HIS n 
1 10  THR n 
1 11  GLY n 
1 12  GLN n 
1 13  LYS n 
1 14  MET n 
1 15  PRO n 
1 16  LEU n 
1 17  ILE n 
1 18  GLY n 
1 19  LEU n 
1 20  GLY n 
1 21  THR n 
1 22  TRP n 
1 23  LYS n 
1 24  SER n 
1 25  GLU n 
1 26  PRO n 
1 27  GLY n 
1 28  GLN n 
1 29  VAL n 
1 30  LYS n 
1 31  ALA n 
1 32  ALA n 
1 33  ILE n 
1 34  LYS n 
1 35  TYR n 
1 36  ALA n 
1 37  LEU n 
1 38  THR n 
1 39  VAL n 
1 40  GLY n 
1 41  TYR n 
1 42  ARG n 
1 43  HIS n 
1 44  ILE n 
1 45  ASP n 
1 46  CYS n 
1 47  ALA n 
1 48  ALA n 
1 49  ILE n 
1 50  TYR n 
1 51  GLY n 
1 52  ASN n 
1 53  GLU n 
1 54  LEU n 
1 55  GLU n 
1 56  ILE n 
1 57  GLY n 
1 58  GLU n 
1 59  ALA n 
1 60  LEU n 
1 61  THR n 
1 62  GLU n 
1 63  THR n 
1 64  VAL n 
1 65  GLY n 
1 66  PRO n 
1 67  GLY n 
1 68  LYS n 
1 69  ALA n 
1 70  VAL n 
1 71  PRO n 
1 72  ARG n 
1 73  GLU n 
1 74  GLU n 
1 75  LEU n 
1 76  PHE n 
1 77  VAL n 
1 78  THR n 
1 79  SER n 
1 80  LYS n 
1 81  LEU n 
1 82  TRP n 
1 83  ASN n 
1 84  THR n 
1 85  LYS n 
1 86  HIS n 
1 87  HIS n 
1 88  PRO n 
1 89  GLU n 
1 90  ASP n 
1 91  VAL n 
1 92  GLU n 
1 93  PRO n 
1 94  ALA n 
1 95  LEU n 
1 96  ARG n 
1 97  LYS n 
1 98  THR n 
1 99  LEU n 
1 100 ALA n 
1 101 ASP n 
1 102 LEU n 
1 103 GLN n 
1 104 LEU n 
1 105 GLU n 
1 106 TYR n 
1 107 LEU n 
1 108 ASP n 
1 109 LEU n 
1 110 TYR n 
1 111 LEU n 
1 112 MET n 
1 113 HIS n 
1 114 TRP n 
1 115 PRO n 
1 116 TYR n 
1 117 ALA n 
1 118 PHE n 
1 119 GLU n 
1 120 ARG n 
1 121 GLY n 
1 122 ASP n 
1 123 ASN n 
1 124 PRO n 
1 125 PHE n 
1 126 PRO n 
1 127 LYS n 
1 128 ASN n 
1 129 ALA n 
1 130 ASP n 
1 131 GLY n 
1 132 THR n 
1 133 ILE n 
1 134 ARG n 
1 135 TYR n 
1 136 ASP n 
1 137 ALA n 
1 138 THR n 
1 139 HIS n 
1 140 TYR n 
1 141 LYS n 
1 142 ASP n 
1 143 THR n 
1 144 TRP n 
1 145 LYS n 
1 146 ALA n 
1 147 LEU n 
1 148 GLU n 
1 149 ALA n 
1 150 LEU n 
1 151 VAL n 
1 152 ALA n 
1 153 LYS n 
1 154 GLY n 
1 155 LEU n 
1 156 VAL n 
1 157 ARG n 
1 158 ALA n 
1 159 LEU n 
1 160 GLY n 
1 161 LEU n 
1 162 SER n 
1 163 ASN n 
1 164 PHE n 
1 165 SER n 
1 166 SER n 
1 167 ARG n 
1 168 GLN n 
1 169 ILE n 
1 170 ASP n 
1 171 ASP n 
1 172 VAL n 
1 173 LEU n 
1 174 SER n 
1 175 VAL n 
1 176 ALA n 
1 177 SER n 
1 178 VAL n 
1 179 ARG n 
1 180 PRO n 
1 181 ALA n 
1 182 VAL n 
1 183 LEU n 
1 184 GLN n 
1 185 VAL n 
1 186 GLU n 
1 187 CYS n 
1 188 HIS n 
1 189 PRO n 
1 190 TYR n 
1 191 LEU n 
1 192 ALA n 
1 193 GLN n 
1 194 ASN n 
1 195 GLU n 
1 196 LEU n 
1 197 ILE n 
1 198 ALA n 
1 199 HIS n 
1 200 CYS n 
1 201 GLN n 
1 202 ALA n 
1 203 ARG n 
1 204 GLY n 
1 205 LEU n 
1 206 GLU n 
1 207 VAL n 
1 208 THR n 
1 209 ALA n 
1 210 TYR n 
1 211 SER n 
1 212 PRO n 
1 213 LEU n 
1 214 GLY n 
1 215 SER n 
1 216 SER n 
1 217 ASP n 
1 218 ARG n 
1 219 ALA n 
1 220 TRP n 
1 221 ARG n 
1 222 ASP n 
1 223 PRO n 
1 224 ASN n 
1 225 GLU n 
1 226 PRO n 
1 227 VAL n 
1 228 LEU n 
1 229 LEU n 
1 230 GLU n 
1 231 GLU n 
1 232 PRO n 
1 233 VAL n 
1 234 VAL n 
1 235 GLN n 
1 236 ALA n 
1 237 LEU n 
1 238 ALA n 
1 239 GLU n 
1 240 LYS n 
1 241 TYR n 
1 242 ASN n 
1 243 ARG n 
1 244 SER n 
1 245 PRO n 
1 246 ALA n 
1 247 GLN n 
1 248 ILE n 
1 249 LEU n 
1 250 LEU n 
1 251 ARG n 
1 252 TRP n 
1 253 GLN n 
1 254 VAL n 
1 255 GLN n 
1 256 ARG n 
1 257 LYS n 
1 258 VAL n 
1 259 ILE n 
1 260 CYS n 
1 261 ILE n 
1 262 PRO n 
1 263 LYS n 
1 264 SER n 
1 265 VAL n 
1 266 THR n 
1 267 PRO n 
1 268 SER n 
1 269 ARG n 
1 270 ILE n 
1 271 PRO n 
1 272 GLN n 
1 273 ASN n 
1 274 ILE n 
1 275 GLN n 
1 276 VAL n 
1 277 PHE n 
1 278 ASP n 
1 279 PHE n 
1 280 THR n 
1 281 PHE n 
1 282 SER n 
1 283 PRO n 
1 284 GLU n 
1 285 GLU n 
1 286 MET n 
1 287 LYS n 
1 288 GLN n 
1 289 LEU n 
1 290 ASP n 
1 291 ALA n 
1 292 LEU n 
1 293 ASN n 
1 294 LYS n 
1 295 ASN n 
1 296 LEU n 
1 297 ARG n 
1 298 PHE n 
1 299 ILE n 
1 300 VAL n 
1 301 PRO n 
1 302 MET n 
1 303 LEU n 
1 304 THR n 
1 305 VAL n 
1 306 ASP n 
1 307 GLY n 
1 308 LYS n 
1 309 ARG n 
1 310 VAL n 
1 311 PRO n 
1 312 ARG n 
1 313 ASP n 
1 314 ALA n 
1 315 GLY n 
1 316 HIS n 
1 317 PRO n 
1 318 LEU n 
1 319 TYR n 
1 320 PRO n 
1 321 PHE n 
1 322 ASN n 
1 323 ASP n 
1 324 PRO n 
1 325 TYR n 
# 
_entity_src_nat.entity_id                  1 
_entity_src_nat.pdbx_src_id                1 
_entity_src_nat.pdbx_alt_source_flag       sample 
_entity_src_nat.pdbx_beg_seq_num           ? 
_entity_src_nat.pdbx_end_seq_num           ? 
_entity_src_nat.common_name                pig 
_entity_src_nat.pdbx_organism_scientific   'Sus scrofa' 
_entity_src_nat.pdbx_ncbi_taxonomy_id      9823 
_entity_src_nat.genus                      Sus 
_entity_src_nat.species                    ? 
_entity_src_nat.strain                     ? 
_entity_src_nat.tissue                     'MEDULLA, CORTEX' 
_entity_src_nat.tissue_fraction            ? 
_entity_src_nat.pdbx_secretion             ? 
_entity_src_nat.pdbx_fragment              ? 
_entity_src_nat.pdbx_variant               ? 
_entity_src_nat.pdbx_cell_line             ? 
_entity_src_nat.pdbx_atcc                  ? 
_entity_src_nat.pdbx_cellular_location     ? 
_entity_src_nat.pdbx_organ                 KIDNEY 
_entity_src_nat.pdbx_organelle             ? 
_entity_src_nat.pdbx_cell                  ? 
_entity_src_nat.pdbx_plasmid_name          ? 
_entity_src_nat.pdbx_plasmid_details       ? 
_entity_src_nat.details                    ? 
# 
loop_
_chem_comp.id 
_chem_comp.type 
_chem_comp.mon_nstd_flag 
_chem_comp.name 
_chem_comp.pdbx_synonyms 
_chem_comp.formula 
_chem_comp.formula_weight 
ALA 'L-peptide linking' y ALANINE                                            ?                                            
'C3 H7 N O2'        89.093  
ARG 'L-peptide linking' y ARGININE                                           ?                                            
'C6 H15 N4 O2 1'    175.209 
ASN 'L-peptide linking' y ASPARAGINE                                         ?                                            
'C4 H8 N2 O3'       132.118 
ASP 'L-peptide linking' y 'ASPARTIC ACID'                                    ?                                            
'C4 H7 N O4'        133.103 
CYS 'L-peptide linking' y CYSTEINE                                           ?                                            
'C3 H7 N O2 S'      121.158 
GLN 'L-peptide linking' y GLUTAMINE                                          ?                                            
'C5 H10 N2 O3'      146.144 
GLU 'L-peptide linking' y 'GLUTAMIC ACID'                                    ?                                            
'C5 H9 N O4'        147.129 
GLY 'peptide linking'   y GLYCINE                                            ?                                            
'C2 H5 N O2'        75.067  
HIS 'L-peptide linking' y HISTIDINE                                          ?                                            
'C6 H10 N3 O2 1'    156.162 
ILE 'L-peptide linking' y ISOLEUCINE                                         ?                                            
'C6 H13 N O2'       131.173 
LEU 'L-peptide linking' y LEUCINE                                            ?                                            
'C6 H13 N O2'       131.173 
LYS 'L-peptide linking' y LYSINE                                             ?                                            
'C6 H15 N2 O2 1'    147.195 
MET 'L-peptide linking' y METHIONINE                                         ?                                            
'C5 H11 N O2 S'     149.211 
NAP non-polymer         . 'NADP NICOTINAMIDE-ADENINE-DINUCLEOTIDE PHOSPHATE' 
;2'-MONOPHOSPHOADENOSINE 5'-DIPHOSPHORIBOSE
;
'C21 H28 N7 O17 P3' 743.405 
PHE 'L-peptide linking' y PHENYLALANINE                                      ?                                            
'C9 H11 N O2'       165.189 
PRO 'L-peptide linking' y PROLINE                                            ?                                            
'C5 H9 N O2'        115.130 
SER 'L-peptide linking' y SERINE                                             ?                                            
'C3 H7 N O3'        105.093 
THR 'L-peptide linking' y THREONINE                                          ?                                            
'C4 H9 N O3'        119.119 
TOL non-polymer         . TOLRESTAT                                          ?                                            
'C16 H14 F3 N O3 S' 357.347 
TRP 'L-peptide linking' y TRYPTOPHAN                                         ?                                            
'C11 H12 N2 O2'     204.225 
TYR 'L-peptide linking' y TYROSINE                                           ?                                            
'C9 H11 N O3'       181.189 
VAL 'L-peptide linking' y VALINE                                             ?                                            
'C5 H11 N O2'       117.146 
# 
loop_
_pdbx_poly_seq_scheme.asym_id 
_pdbx_poly_seq_scheme.entity_id 
_pdbx_poly_seq_scheme.seq_id 
_pdbx_poly_seq_scheme.mon_id 
_pdbx_poly_seq_scheme.ndb_seq_num 
_pdbx_poly_seq_scheme.pdb_seq_num 
_pdbx_poly_seq_scheme.auth_seq_num 
_pdbx_poly_seq_scheme.pdb_mon_id 
_pdbx_poly_seq_scheme.auth_mon_id 
_pdbx_poly_seq_scheme.pdb_strand_id 
_pdbx_poly_seq_scheme.pdb_ins_code 
_pdbx_poly_seq_scheme.hetero 
A 1 1   MET 1   1   ?   ?   ?   A . n 
A 1 2   ALA 2   2   2   ALA ALA A . n 
A 1 3   ALA 3   3   3   ALA ALA A . n 
A 1 4   SER 4   4   4   SER SER A . n 
A 1 5   CYS 5   5   5   CYS CYS A . n 
A 1 6   VAL 6   6   6   VAL VAL A . n 
A 1 7   LEU 7   7   7   LEU LEU A . n 
A 1 8   LEU 8   8   8   LEU LEU A . n 
A 1 9   HIS 9   9   9   HIS HIS A . n 
A 1 10  THR 10  10  10  THR THR A . n 
A 1 11  GLY 11  11  11  GLY GLY A . n 
A 1 12  GLN 12  12  12  GLN GLN A . n 
A 1 13  LYS 13  13  13  LYS LYS A . n 
A 1 14  MET 14  14  14  MET MET A . n 
A 1 15  PRO 15  15  15  PRO PRO A . n 
A 1 16  LEU 16  16  16  LEU LEU A . n 
A 1 17  ILE 17  17  17  ILE ILE A . n 
A 1 18  GLY 18  18  18  GLY GLY A . n 
A 1 19  LEU 19  19  19  LEU LEU A . n 
A 1 20  GLY 20  20  20  GLY GLY A . n 
A 1 21  THR 21  21  21  THR THR A . n 
A 1 22  TRP 22  22  22  TRP TRP A . n 
A 1 23  LYS 23  23  23  LYS LYS A . n 
A 1 24  SER 24  24  24  SER SER A . n 
A 1 25  GLU 25  25  25  GLU GLU A . n 
A 1 26  PRO 26  26  26  PRO PRO A . n 
A 1 27  GLY 27  27  27  GLY GLY A . n 
A 1 28  GLN 28  28  28  GLN GLN A . n 
A 1 29  VAL 29  29  29  VAL VAL A . n 
A 1 30  LYS 30  30  30  LYS LYS A . n 
A 1 31  ALA 31  31  31  ALA ALA A . n 
A 1 32  ALA 32  32  32  ALA ALA A . n 
A 1 33  ILE 33  33  33  ILE ILE A . n 
A 1 34  LYS 34  34  34  LYS LYS A . n 
A 1 35  TYR 35  35  35  TYR TYR A . n 
A 1 36  ALA 36  36  36  ALA ALA A . n 
A 1 37  LEU 37  37  37  LEU LEU A . n 
A 1 38  THR 38  38  38  THR THR A . n 
A 1 39  VAL 39  39  39  VAL VAL A . n 
A 1 40  GLY 40  40  40  GLY GLY A . n 
A 1 41  TYR 41  41  41  TYR TYR A . n 
A 1 42  ARG 42  42  42  ARG ARG A . n 
A 1 43  HIS 43  43  43  HIS HIS A . n 
A 1 44  ILE 44  44  44  ILE ILE A . n 
A 1 45  ASP 45  45  45  ASP ASP A . n 
A 1 46  CYS 46  46  46  CYS CYS A . n 
A 1 47  ALA 47  47  47  ALA ALA A . n 
A 1 48  ALA 48  48  48  ALA ALA A . n 
A 1 49  ILE 49  49  49  ILE ILE A . n 
A 1 50  TYR 50  50  50  TYR TYR A . n 
A 1 51  GLY 51  51  51  GLY GLY A . n 
A 1 52  ASN 52  52  52  ASN ASN A . n 
A 1 53  GLU 53  53  53  GLU GLU A . n 
A 1 54  LEU 54  54  54  LEU LEU A . n 
A 1 55  GLU 55  55  55  GLU GLU A . n 
A 1 56  ILE 56  56  56  ILE ILE A . n 
A 1 57  GLY 57  57  57  GLY GLY A . n 
A 1 58  GLU 58  58  58  GLU GLU A . n 
A 1 59  ALA 59  59  59  ALA ALA A . n 
A 1 60  LEU 60  60  60  LEU LEU A . n 
A 1 61  THR 61  61  61  THR THR A . n 
A 1 62  GLU 62  62  62  GLU GLU A . n 
A 1 63  THR 63  63  63  THR THR A . n 
A 1 64  VAL 64  64  64  VAL VAL A . n 
A 1 65  GLY 65  65  65  GLY GLY A . n 
A 1 66  PRO 66  66  66  PRO PRO A . n 
A 1 67  GLY 67  67  67  GLY GLY A . n 
A 1 68  LYS 68  68  68  LYS LYS A . n 
A 1 69  ALA 69  69  69  ALA ALA A . n 
A 1 70  VAL 70  70  70  VAL VAL A . n 
A 1 71  PRO 71  71  71  PRO PRO A . n 
A 1 72  ARG 72  72  72  ARG ARG A . n 
A 1 73  GLU 73  73  73  GLU GLU A . n 
A 1 74  GLU 74  74  74  GLU GLU A . n 
A 1 75  LEU 75  75  75  LEU LEU A . n 
A 1 76  PHE 76  76  76  PHE PHE A . n 
A 1 77  VAL 77  77  77  VAL VAL A . n 
A 1 78  THR 78  78  78  THR THR A . n 
A 1 79  SER 79  79  79  SER SER A . n 
A 1 80  LYS 80  80  80  LYS LYS A . n 
A 1 81  LEU 81  81  81  LEU LEU A . n 
A 1 82  TRP 82  82  82  TRP TRP A . n 
A 1 83  ASN 83  83  83  ASN ASN A . n 
A 1 84  THR 84  84  84  THR THR A . n 
A 1 85  LYS 85  85  85  LYS LYS A . n 
A 1 86  HIS 86  86  86  HIS HIS A . n 
A 1 87  HIS 87  87  87  HIS HIS A . n 
A 1 88  PRO 88  88  88  PRO PRO A . n 
A 1 89  GLU 89  89  89  GLU GLU A . n 
A 1 90  ASP 90  90  90  ASP ASP A . n 
A 1 91  VAL 91  91  91  VAL VAL A . n 
A 1 92  GLU 92  92  92  GLU GLU A . n 
A 1 93  PRO 93  93  93  PRO PRO A . n 
A 1 94  ALA 94  94  94  ALA ALA A . n 
A 1 95  LEU 95  95  95  LEU LEU A . n 
A 1 96  ARG 96  96  96  ARG ARG A . n 
A 1 97  LYS 97  97  97  LYS LYS A . n 
A 1 98  THR 98  98  98  THR THR A . n 
A 1 99  LEU 99  99  99  LEU LEU A . n 
A 1 100 ALA 100 100 100 ALA ALA A . n 
A 1 101 ASP 101 101 101 ASP ASP A . n 
A 1 102 LEU 102 102 102 LEU LEU A . n 
A 1 103 GLN 103 103 103 GLN GLN A . n 
A 1 104 LEU 104 104 104 LEU LEU A . n 
A 1 105 GLU 105 105 105 GLU GLU A . n 
A 1 106 TYR 106 106 106 TYR TYR A . n 
A 1 107 LEU 107 107 107 LEU LEU A . n 
A 1 108 ASP 108 108 108 ASP ASP A . n 
A 1 109 LEU 109 109 109 LEU LEU A . n 
A 1 110 TYR 110 110 110 TYR TYR A . n 
A 1 111 LEU 111 111 111 LEU LEU A . n 
A 1 112 MET 112 112 112 MET MET A . n 
A 1 113 HIS 113 113 113 HIS HIS A . n 
A 1 114 TRP 114 114 114 TRP TRP A . n 
A 1 115 PRO 115 115 115 PRO PRO A . n 
A 1 116 TYR 116 116 116 TYR TYR A . n 
A 1 117 ALA 117 117 117 ALA ALA A . n 
A 1 118 PHE 118 118 118 PHE PHE A . n 
A 1 119 GLU 119 119 119 GLU GLU A . n 
A 1 120 ARG 120 120 120 ARG ARG A . n 
A 1 121 GLY 121 121 121 GLY GLY A . n 
A 1 122 ASP 122 122 122 ASP ASP A . n 
A 1 123 ASN 123 123 123 ASN ASN A . n 
A 1 124 PRO 124 124 124 PRO PRO A . n 
A 1 125 PHE 125 125 125 PHE PHE A . n 
A 1 126 PRO 126 126 126 PRO PRO A . n 
A 1 127 LYS 127 127 127 LYS LYS A . n 
A 1 128 ASN 128 128 128 ASN ASN A . n 
A 1 129 ALA 129 129 129 ALA ALA A . n 
A 1 130 ASP 130 130 130 ASP ASP A . n 
A 1 131 GLY 131 131 131 GLY GLY A . n 
A 1 132 THR 132 132 132 THR THR A . n 
A 1 133 ILE 133 133 133 ILE ILE A . n 
A 1 134 ARG 134 134 134 ARG ARG A . n 
A 1 135 TYR 135 135 135 TYR TYR A . n 
A 1 136 ASP 136 136 136 ASP ASP A . n 
A 1 137 ALA 137 137 137 ALA ALA A . n 
A 1 138 THR 138 138 138 THR THR A . n 
A 1 139 HIS 139 139 139 HIS HIS A . n 
A 1 140 TYR 140 140 140 TYR TYR A . n 
A 1 141 LYS 141 141 141 LYS LYS A . n 
A 1 142 ASP 142 142 142 ASP ASP A . n 
A 1 143 THR 143 143 143 THR THR A . n 
A 1 144 TRP 144 144 144 TRP TRP A . n 
A 1 145 LYS 145 145 145 LYS LYS A . n 
A 1 146 ALA 146 146 146 ALA ALA A . n 
A 1 147 LEU 147 147 147 LEU LEU A . n 
A 1 148 GLU 148 148 148 GLU GLU A . n 
A 1 149 ALA 149 149 149 ALA ALA A . n 
A 1 150 LEU 150 150 150 LEU LEU A . n 
A 1 151 VAL 151 151 151 VAL VAL A . n 
A 1 152 ALA 152 152 152 ALA ALA A . n 
A 1 153 LYS 153 153 153 LYS LYS A . n 
A 1 154 GLY 154 154 154 GLY GLY A . n 
A 1 155 LEU 155 155 155 LEU LEU A . n 
A 1 156 VAL 156 156 156 VAL VAL A . n 
A 1 157 ARG 157 157 157 ARG ARG A . n 
A 1 158 ALA 158 158 158 ALA ALA A . n 
A 1 159 LEU 159 159 159 LEU LEU A . n 
A 1 160 GLY 160 160 160 GLY GLY A . n 
A 1 161 LEU 161 161 161 LEU LEU A . n 
A 1 162 SER 162 162 162 SER SER A . n 
A 1 163 ASN 163 163 163 ASN ASN A . n 
A 1 164 PHE 164 164 164 PHE PHE A . n 
A 1 165 SER 165 165 165 SER SER A . n 
A 1 166 SER 166 166 166 SER SER A . n 
A 1 167 ARG 167 167 167 ARG ARG A . n 
A 1 168 GLN 168 168 168 GLN GLN A . n 
A 1 169 ILE 169 169 169 ILE ILE A . n 
A 1 170 ASP 170 170 170 ASP ASP A . n 
A 1 171 ASP 171 171 171 ASP ASP A . n 
A 1 172 VAL 172 172 172 VAL VAL A . n 
A 1 173 LEU 173 173 173 LEU LEU A . n 
A 1 174 SER 174 174 174 SER SER A . n 
A 1 175 VAL 175 175 175 VAL VAL A . n 
A 1 176 ALA 176 176 176 ALA ALA A . n 
A 1 177 SER 177 177 177 SER SER A . n 
A 1 178 VAL 178 178 178 VAL VAL A . n 
A 1 179 ARG 179 179 179 ARG ARG A . n 
A 1 180 PRO 180 180 180 PRO PRO A . n 
A 1 181 ALA 181 181 181 ALA ALA A . n 
A 1 182 VAL 182 182 182 VAL VAL A . n 
A 1 183 LEU 183 183 183 LEU LEU A . n 
A 1 184 GLN 184 184 184 GLN GLN A . n 
A 1 185 VAL 185 185 185 VAL VAL A . n 
A 1 186 GLU 186 186 186 GLU GLU A . n 
A 1 187 CYS 187 187 187 CYS CYS A . n 
A 1 188 HIS 188 188 188 HIS HIS A . n 
A 1 189 PRO 189 189 189 PRO PRO A . n 
A 1 190 TYR 190 190 190 TYR TYR A . n 
A 1 191 LEU 191 191 191 LEU LEU A . n 
A 1 192 ALA 192 192 192 ALA ALA A . n 
A 1 193 GLN 193 193 193 GLN GLN A . n 
A 1 194 ASN 194 194 194 ASN ASN A . n 
A 1 195 GLU 195 195 195 GLU GLU A . n 
A 1 196 LEU 196 196 196 LEU LEU A . n 
A 1 197 ILE 197 197 197 ILE ILE A . n 
A 1 198 ALA 198 198 198 ALA ALA A . n 
A 1 199 HIS 199 199 199 HIS HIS A . n 
A 1 200 CYS 200 200 200 CYS CYS A . n 
A 1 201 GLN 201 201 201 GLN GLN A . n 
A 1 202 ALA 202 202 202 ALA ALA A . n 
A 1 203 ARG 203 203 203 ARG ARG A . n 
A 1 204 GLY 204 204 204 GLY GLY A . n 
A 1 205 LEU 205 205 205 LEU LEU A . n 
A 1 206 GLU 206 206 206 GLU GLU A . n 
A 1 207 VAL 207 207 207 VAL VAL A . n 
A 1 208 THR 208 208 208 THR THR A . n 
A 1 209 ALA 209 209 209 ALA ALA A . n 
A 1 210 TYR 210 210 210 TYR TYR A . n 
A 1 211 SER 211 211 211 SER SER A . n 
A 1 212 PRO 212 212 212 PRO PRO A . n 
A 1 213 LEU 213 213 213 LEU LEU A . n 
A 1 214 GLY 214 214 214 GLY GLY A . n 
A 1 215 SER 215 215 215 SER SER A . n 
A 1 216 SER 216 216 216 SER SER A . n 
A 1 217 ASP 217 217 217 ASP ASP A . n 
A 1 218 ARG 218 218 218 ARG ARG A . n 
A 1 219 ALA 219 219 219 ALA ALA A . n 
A 1 220 TRP 220 220 220 TRP TRP A . n 
A 1 221 ARG 221 221 221 ARG ARG A . n 
A 1 222 ASP 222 222 222 ASP ASP A . n 
A 1 223 PRO 223 223 223 PRO PRO A . n 
A 1 224 ASN 224 224 224 ASN ASN A . n 
A 1 225 GLU 225 225 225 GLU GLU A . n 
A 1 226 PRO 226 226 226 PRO PRO A . n 
A 1 227 VAL 227 227 227 VAL VAL A . n 
A 1 228 LEU 228 228 228 LEU LEU A . n 
A 1 229 LEU 229 229 229 LEU LEU A . n 
A 1 230 GLU 230 230 230 GLU GLU A . n 
A 1 231 GLU 231 231 231 GLU GLU A . n 
A 1 232 PRO 232 232 232 PRO PRO A . n 
A 1 233 VAL 233 233 233 VAL VAL A . n 
A 1 234 VAL 234 234 234 VAL VAL A . n 
A 1 235 GLN 235 235 235 GLN GLN A . n 
A 1 236 ALA 236 236 236 ALA ALA A . n 
A 1 237 LEU 237 237 237 LEU LEU A . n 
A 1 238 ALA 238 238 238 ALA ALA A . n 
A 1 239 GLU 239 239 239 GLU GLU A . n 
A 1 240 LYS 240 240 240 LYS LYS A . n 
A 1 241 TYR 241 241 241 TYR TYR A . n 
A 1 242 ASN 242 242 242 ASN ASN A . n 
A 1 243 ARG 243 243 243 ARG ARG A . n 
A 1 244 SER 244 244 244 SER SER A . n 
A 1 245 PRO 245 245 245 PRO PRO A . n 
A 1 246 ALA 246 246 246 ALA ALA A . n 
A 1 247 GLN 247 247 247 GLN GLN A . n 
A 1 248 ILE 248 248 248 ILE ILE A . n 
A 1 249 LEU 249 249 249 LEU LEU A . n 
A 1 250 LEU 250 250 250 LEU LEU A . n 
A 1 251 ARG 251 251 251 ARG ARG A . n 
A 1 252 TRP 252 252 252 TRP TRP A . n 
A 1 253 GLN 253 253 253 GLN GLN A . n 
A 1 254 VAL 254 254 254 VAL VAL A . n 
A 1 255 GLN 255 255 255 GLN GLN A . n 
A 1 256 ARG 256 256 256 ARG ARG A . n 
A 1 257 LYS 257 257 257 LYS LYS A . n 
A 1 258 VAL 258 258 258 VAL VAL A . n 
A 1 259 ILE 259 259 259 ILE ILE A . n 
A 1 260 CYS 260 260 260 CYS CYS A . n 
A 1 261 ILE 261 261 261 ILE ILE A . n 
A 1 262 PRO 262 262 262 PRO PRO A . n 
A 1 263 LYS 263 263 263 LYS LYS A . n 
A 1 264 SER 264 264 264 SER SER A . n 
A 1 265 VAL 265 265 265 VAL VAL A . n 
A 1 266 THR 266 266 266 THR THR A . n 
A 1 267 PRO 267 267 267 PRO PRO A . n 
A 1 268 SER 268 268 268 SER SER A . n 
A 1 269 ARG 269 269 269 ARG ARG A . n 
A 1 270 ILE 270 270 270 ILE ILE A . n 
A 1 271 PRO 271 271 271 PRO PRO A . n 
A 1 272 GLN 272 272 272 GLN GLN A . n 
A 1 273 ASN 273 273 273 ASN ASN A . n 
A 1 274 ILE 274 274 274 ILE ILE A . n 
A 1 275 GLN 275 275 275 GLN GLN A . n 
A 1 276 VAL 276 276 276 VAL VAL A . n 
A 1 277 PHE 277 277 277 PHE PHE A . n 
A 1 278 ASP 278 278 278 ASP ASP A . n 
A 1 279 PHE 279 279 279 PHE PHE A . n 
A 1 280 THR 280 280 280 THR THR A . n 
A 1 281 PHE 281 281 281 PHE PHE A . n 
A 1 282 SER 282 282 282 SER SER A . n 
A 1 283 PRO 283 283 283 PRO PRO A . n 
A 1 284 GLU 284 284 284 GLU GLU A . n 
A 1 285 GLU 285 285 285 GLU GLU A . n 
A 1 286 MET 286 286 286 MET MET A . n 
A 1 287 LYS 287 287 287 LYS LYS A . n 
A 1 288 GLN 288 288 288 GLN GLN A . n 
A 1 289 LEU 289 289 289 LEU LEU A . n 
A 1 290 ASP 290 290 290 ASP ASP A . n 
A 1 291 ALA 291 291 291 ALA ALA A . n 
A 1 292 LEU 292 292 292 LEU LEU A . n 
A 1 293 ASN 293 293 293 ASN ASN A . n 
A 1 294 LYS 294 294 294 LYS LYS A . n 
A 1 295 ASN 295 295 295 ASN ASN A . n 
A 1 296 LEU 296 296 296 LEU LEU A . n 
A 1 297 ARG 297 297 297 ARG ARG A . n 
A 1 298 PHE 298 298 298 PHE PHE A . n 
A 1 299 ILE 299 299 299 ILE ILE A . n 
A 1 300 VAL 300 300 300 VAL VAL A . n 
A 1 301 PRO 301 301 301 PRO PRO A . n 
A 1 302 MET 302 302 302 MET MET A . n 
A 1 303 LEU 303 303 303 LEU LEU A . n 
A 1 304 THR 304 304 304 THR THR A . n 
A 1 305 VAL 305 305 305 VAL VAL A . n 
A 1 306 ASP 306 306 306 ASP ASP A . n 
A 1 307 GLY 307 307 307 GLY GLY A . n 
A 1 308 LYS 308 308 308 LYS LYS A . n 
A 1 309 ARG 309 309 309 ARG ARG A . n 
A 1 310 VAL 310 310 310 VAL VAL A . n 
A 1 311 PRO 311 311 311 PRO PRO A . n 
A 1 312 ARG 312 312 312 ARG ARG A . n 
A 1 313 ASP 313 313 313 ASP ASP A . n 
A 1 314 ALA 314 314 314 ALA ALA A . n 
A 1 315 GLY 315 315 315 GLY GLY A . n 
A 1 316 HIS 316 316 316 HIS HIS A . n 
A 1 317 PRO 317 317 317 PRO PRO A . n 
A 1 318 LEU 318 318 318 LEU LEU A . n 
A 1 319 TYR 319 319 319 TYR TYR A . n 
A 1 320 PRO 320 320 320 PRO PRO A . n 
A 1 321 PHE 321 321 321 PHE PHE A . n 
A 1 322 ASN 322 322 322 ASN ASN A . n 
A 1 323 ASP 323 323 323 ASP ASP A . n 
A 1 324 PRO 324 324 324 PRO PRO A . n 
A 1 325 TYR 325 325 325 TYR TYR A . n 
# 
loop_
_pdbx_nonpoly_scheme.asym_id 
_pdbx_nonpoly_scheme.entity_id 
_pdbx_nonpoly_scheme.mon_id 
_pdbx_nonpoly_scheme.ndb_seq_num 
_pdbx_nonpoly_scheme.pdb_seq_num 
_pdbx_nonpoly_scheme.auth_seq_num 
_pdbx_nonpoly_scheme.pdb_mon_id 
_pdbx_nonpoly_scheme.auth_mon_id 
_pdbx_nonpoly_scheme.pdb_strand_id 
_pdbx_nonpoly_scheme.pdb_ins_code 
B 2 NAP 1 350 350 NAP NAP A . 
C 3 TOL 1 600 600 TOL TOL A . 
# 
loop_
_software.name 
_software.classification 
_software.version 
_software.citation_id 
_software.pdbx_ordinal 
X-PLOR 'model building' . ? 1 
X-PLOR refinement       . ? 2 
XENGEN 'data reduction' . ? 3 
X-PLOR phasing          . ? 4 
# 
_cell.entry_id           1AE4 
_cell.length_a           67.800 
_cell.length_b           67.800 
_cell.length_c           245.280 
_cell.angle_alpha        90.00 
_cell.angle_beta         90.00 
_cell.angle_gamma        120.00 
_cell.Z_PDB              12 
_cell.pdbx_unique_axis   ? 
# 
_symmetry.entry_id                         1AE4 
_symmetry.space_group_name_H-M             'P 65 2 2' 
_symmetry.pdbx_full_space_group_name_H-M   ? 
_symmetry.cell_setting                     ? 
_symmetry.Int_Tables_number                179 
# 
_exptl.entry_id          1AE4 
_exptl.method            'X-RAY DIFFRACTION' 
_exptl.crystals_number   1 
# 
_exptl_crystal.id                    1 
_exptl_crystal.density_meas          ? 
_exptl_crystal.density_Matthews      2.24 
_exptl_crystal.density_percent_sol   43. 
_exptl_crystal.description           'THE POSITION OF BOUND INHIBITOR WAS DETERMINED FROM A DIFFERENCE ELECTRON DENSITY MAP.' 
# 
_exptl_crystal_grow.crystal_id      1 
_exptl_crystal_grow.method          ? 
_exptl_crystal_grow.temp            ? 
_exptl_crystal_grow.temp_details    ? 
_exptl_crystal_grow.pH              8.9 
_exptl_crystal_grow.pdbx_pH_range   ? 
_exptl_crystal_grow.pdbx_details    'BUFFERED AMMONIUM SULFATE SOLUTION, PH 8.9' 
# 
_diffrn.id                     1 
_diffrn.ambient_temp           293 
_diffrn.ambient_temp_details   ? 
_diffrn.crystal_id             1 
# 
_diffrn_detector.diffrn_id              1 
_diffrn_detector.detector               'AREA DETECTOR' 
_diffrn_detector.type                   SIEMENS 
_diffrn_detector.pdbx_collection_date   1996-08-01 
_diffrn_detector.details                COLLIMATOR 
# 
_diffrn_radiation.diffrn_id                        1 
_diffrn_radiation.wavelength_id                    1 
_diffrn_radiation.pdbx_monochromatic_or_laue_m_l   M 
_diffrn_radiation.monochromator                    'GRAPHITE(002)' 
_diffrn_radiation.pdbx_diffrn_protocol             ? 
_diffrn_radiation.pdbx_scattering_type             x-ray 
# 
_diffrn_radiation_wavelength.id           1 
_diffrn_radiation_wavelength.wavelength   1.5418 
_diffrn_radiation_wavelength.wt           1.0 
# 
_diffrn_source.diffrn_id                   1 
_diffrn_source.source                      ? 
_diffrn_source.type                        ? 
_diffrn_source.pdbx_synchrotron_site       ? 
_diffrn_source.pdbx_synchrotron_beamline   ? 
_diffrn_source.pdbx_wavelength             1.5418 
_diffrn_source.pdbx_wavelength_list        ? 
# 
_reflns.entry_id                     1AE4 
_reflns.observed_criterion_sigma_I   0.0 
_reflns.observed_criterion_sigma_F   ? 
_reflns.d_resolution_low             15.0 
_reflns.d_resolution_high            2.4 
_reflns.number_obs                   13319 
_reflns.number_all                   ? 
_reflns.percent_possible_obs         93. 
_reflns.pdbx_Rmerge_I_obs            0.1090000 
_reflns.pdbx_Rsym_value              ? 
_reflns.pdbx_netI_over_sigmaI        21.2 
_reflns.B_iso_Wilson_estimate        ? 
_reflns.pdbx_redundancy              6.0 
_reflns.pdbx_ordinal                 1 
_reflns.pdbx_diffrn_id               1 
# 
_refine.entry_id                                 1AE4 
_refine.ls_number_reflns_obs                     10907 
_refine.ls_number_reflns_all                     ? 
_refine.pdbx_ls_sigma_I                          ? 
_refine.pdbx_ls_sigma_F                          2.0 
_refine.pdbx_data_cutoff_high_absF               ? 
_refine.pdbx_data_cutoff_low_absF                ? 
_refine.pdbx_data_cutoff_high_rms_absF           ? 
_refine.ls_d_res_low                             8.0 
_refine.ls_d_res_high                            2.40 
_refine.ls_percent_reflns_obs                    86. 
_refine.ls_R_factor_obs                          0.1900000 
_refine.ls_R_factor_all                          ? 
_refine.ls_R_factor_R_work                       0.1900000 
_refine.ls_R_factor_R_free                       ? 
_refine.ls_R_factor_R_free_error                 ? 
_refine.ls_R_factor_R_free_error_details         ? 
_refine.ls_percent_reflns_R_free                 ? 
_refine.ls_number_reflns_R_free                  ? 
_refine.ls_number_parameters                     ? 
_refine.ls_number_restraints                     ? 
_refine.occupancy_min                            ? 
_refine.occupancy_max                            ? 
_refine.B_iso_mean                               20.8 
_refine.aniso_B[1][1]                            ? 
_refine.aniso_B[2][2]                            ? 
_refine.aniso_B[3][3]                            ? 
_refine.aniso_B[1][2]                            ? 
_refine.aniso_B[1][3]                            ? 
_refine.aniso_B[2][3]                            ? 
_refine.solvent_model_details                    ? 
_refine.solvent_model_param_ksol                 ? 
_refine.solvent_model_param_bsol                 ? 
_refine.pdbx_ls_cross_valid_method               ? 
_refine.details                                  ? 
_refine.pdbx_starting_model                      'PORCINE ALDEHYDE REDUCTASE IN COMPLEX WITH COENZYME' 
_refine.pdbx_method_to_determine_struct          DIFFERENCE-FOURIER 
_refine.pdbx_isotropic_thermal_model             ? 
_refine.pdbx_stereochemistry_target_values       ? 
_refine.pdbx_stereochem_target_val_spec_case     ? 
_refine.pdbx_R_Free_selection_details            ? 
_refine.pdbx_overall_ESU_R                       ? 
_refine.pdbx_overall_ESU_R_Free                  ? 
_refine.overall_SU_ML                            ? 
_refine.overall_SU_B                             ? 
_refine.pdbx_refine_id                           'X-RAY DIFFRACTION' 
_refine.pdbx_diffrn_id                           1 
_refine.pdbx_TLS_residual_ADP_flag               ? 
_refine.correlation_coeff_Fo_to_Fc               ? 
_refine.correlation_coeff_Fo_to_Fc_free          ? 
_refine.pdbx_solvent_vdw_probe_radii             ? 
_refine.pdbx_solvent_ion_probe_radii             ? 
_refine.pdbx_solvent_shrinkage_radii             ? 
_refine.pdbx_overall_phase_error                 ? 
_refine.overall_SU_R_Cruickshank_DPI             ? 
_refine.pdbx_overall_SU_R_free_Cruickshank_DPI   ? 
_refine.pdbx_overall_SU_R_Blow_DPI               ? 
_refine.pdbx_overall_SU_R_free_Blow_DPI          ? 
# 
_refine_analyze.entry_id                        1AE4 
_refine_analyze.Luzzati_coordinate_error_obs    0.25 
_refine_analyze.Luzzati_sigma_a_obs             ? 
_refine_analyze.Luzzati_d_res_low_obs           8.0 
_refine_analyze.Luzzati_coordinate_error_free   ? 
_refine_analyze.Luzzati_sigma_a_free            ? 
_refine_analyze.Luzzati_d_res_low_free          ? 
_refine_analyze.number_disordered_residues      ? 
_refine_analyze.occupancy_sum_hydrogen          ? 
_refine_analyze.occupancy_sum_non_hydrogen      ? 
_refine_analyze.pdbx_refine_id                  'X-RAY DIFFRACTION' 
# 
_refine_hist.pdbx_refine_id                   'X-RAY DIFFRACTION' 
_refine_hist.cycle_id                         LAST 
_refine_hist.pdbx_number_atoms_protein        324 
_refine_hist.pdbx_number_atoms_nucleic_acid   0 
_refine_hist.pdbx_number_atoms_ligand         72 
_refine_hist.number_atoms_solvent             0 
_refine_hist.number_atoms_total               396 
_refine_hist.d_res_high                       2.40 
_refine_hist.d_res_low                        8.0 
# 
loop_
_refine_ls_restr.type 
_refine_ls_restr.dev_ideal 
_refine_ls_restr.dev_ideal_target 
_refine_ls_restr.weight 
_refine_ls_restr.number 
_refine_ls_restr.pdbx_refine_id 
_refine_ls_restr.pdbx_restraint_function 
x_bond_d                0.011 ? ? ? 'X-RAY DIFFRACTION' ? 
x_bond_d_na             ?     ? ? ? 'X-RAY DIFFRACTION' ? 
x_bond_d_prot           ?     ? ? ? 'X-RAY DIFFRACTION' ? 
x_angle_d               ?     ? ? ? 'X-RAY DIFFRACTION' ? 
x_angle_d_na            ?     ? ? ? 'X-RAY DIFFRACTION' ? 
x_angle_d_prot          ?     ? ? ? 'X-RAY DIFFRACTION' ? 
x_angle_deg             2.4   ? ? ? 'X-RAY DIFFRACTION' ? 
x_angle_deg_na          ?     ? ? ? 'X-RAY DIFFRACTION' ? 
x_angle_deg_prot        ?     ? ? ? 'X-RAY DIFFRACTION' ? 
x_dihedral_angle_d      ?     ? ? ? 'X-RAY DIFFRACTION' ? 
x_dihedral_angle_d_na   ?     ? ? ? 'X-RAY DIFFRACTION' ? 
x_dihedral_angle_d_prot ?     ? ? ? 'X-RAY DIFFRACTION' ? 
x_improper_angle_d      ?     ? ? ? 'X-RAY DIFFRACTION' ? 
x_improper_angle_d_na   ?     ? ? ? 'X-RAY DIFFRACTION' ? 
x_improper_angle_d_prot ?     ? ? ? 'X-RAY DIFFRACTION' ? 
x_mcbond_it             ?     ? ? ? 'X-RAY DIFFRACTION' ? 
x_mcangle_it            ?     ? ? ? 'X-RAY DIFFRACTION' ? 
x_scbond_it             ?     ? ? ? 'X-RAY DIFFRACTION' ? 
x_scangle_it            ?     ? ? ? 'X-RAY DIFFRACTION' ? 
# 
_refine_ls_shell.pdbx_total_number_of_bins_used   8 
_refine_ls_shell.d_res_high                       2.4 
_refine_ls_shell.d_res_low                        2.51 
_refine_ls_shell.number_reflns_R_work             588 
_refine_ls_shell.R_factor_R_work                  0.2900000 
_refine_ls_shell.percent_reflns_obs               35. 
_refine_ls_shell.R_factor_R_free                  ? 
_refine_ls_shell.R_factor_R_free_error            ? 
_refine_ls_shell.percent_reflns_R_free            ? 
_refine_ls_shell.number_reflns_R_free             ? 
_refine_ls_shell.pdbx_refine_id                   'X-RAY DIFFRACTION' 
_refine_ls_shell.number_reflns_all                ? 
_refine_ls_shell.R_factor_all                     ? 
# 
_struct.entry_id                  1AE4 
_struct.title                     'ALDEHYDE REDUCTASE COMPLEXED WITH COFACTOR AND INHIBITOR, ALPHA CARBON ATOMS ONLY' 
_struct.pdbx_model_details        ? 
_struct.pdbx_CASP_flag            ? 
_struct.pdbx_model_type_details   ? 
# 
_struct_keywords.entry_id        1AE4 
_struct_keywords.pdbx_keywords   OXIDOREDUCTASE 
_struct_keywords.text            'ALDO-KETO REDUCTASE, OXIDOREDUCTASE, TIM-BARREL' 
# 
loop_
_struct_asym.id 
_struct_asym.pdbx_blank_PDB_chainid_flag 
_struct_asym.pdbx_modified 
_struct_asym.entity_id 
_struct_asym.details 
A N N 1 ? 
B N N 2 ? 
C N N 3 ? 
# 
_struct_ref.id                         1 
_struct_ref.db_name                    UNP 
_struct_ref.db_code                    AK1A1_PIG 
_struct_ref.entity_id                  1 
_struct_ref.pdbx_db_accession          P50578 
_struct_ref.pdbx_align_begin           1 
_struct_ref.pdbx_seq_one_letter_code   
;AASCVLLHTGQKMPLIGLGTWKSEPGQVKAAIKYALTVGYRHIDCAAIYGNELEIGEALTETVGPGKAVPREELFVTSKL
WNTKHHPEDVEPALRKTLADLQLEYLDLYLMHWPYAFERGDNPFPKNADGTIRYDATHYKDTWKALEALVAKGLVRALGL
SNFSSRQIDDVLSVASVRPAVLQVECHPYLAQNELIAHCQARGLEVTAYSPLGSSDRAWRDPNEPVLLEEPVVQALAEKY
NRSPAQILLRWQVQRKVICIPKSVTPSRIPQNIQVFDFTFSPEEMKQLDALNKNLRFIVPMLTVDGKRVPRDAGHPLYPF
NDPY
;
_struct_ref.pdbx_db_isoform            ? 
# 
_struct_ref_seq.align_id                      1 
_struct_ref_seq.ref_id                        1 
_struct_ref_seq.pdbx_PDB_id_code              1AE4 
_struct_ref_seq.pdbx_strand_id                A 
_struct_ref_seq.seq_align_beg                 2 
_struct_ref_seq.pdbx_seq_align_beg_ins_code   ? 
_struct_ref_seq.seq_align_end                 325 
_struct_ref_seq.pdbx_seq_align_end_ins_code   ? 
_struct_ref_seq.pdbx_db_accession             P50578 
_struct_ref_seq.db_align_beg                  1 
_struct_ref_seq.pdbx_db_align_beg_ins_code    ? 
_struct_ref_seq.db_align_end                  324 
_struct_ref_seq.pdbx_db_align_end_ins_code    ? 
_struct_ref_seq.pdbx_auth_seq_align_beg       2 
_struct_ref_seq.pdbx_auth_seq_align_end       325 
# 
_pdbx_struct_assembly.id                   1 
_pdbx_struct_assembly.details              author_defined_assembly 
_pdbx_struct_assembly.method_details       ? 
_pdbx_struct_assembly.oligomeric_details   monomeric 
_pdbx_struct_assembly.oligomeric_count     1 
# 
_pdbx_struct_assembly_gen.assembly_id       1 
_pdbx_struct_assembly_gen.oper_expression   1 
_pdbx_struct_assembly_gen.asym_id_list      A,B,C 
# 
_pdbx_struct_oper_list.id                   1 
_pdbx_struct_oper_list.type                 'identity operation' 
_pdbx_struct_oper_list.name                 1_555 
_pdbx_struct_oper_list.symmetry_operation   x,y,z 
_pdbx_struct_oper_list.matrix[1][1]         1.0000000000 
_pdbx_struct_oper_list.matrix[1][2]         0.0000000000 
_pdbx_struct_oper_list.matrix[1][3]         0.0000000000 
_pdbx_struct_oper_list.vector[1]            0.0000000000 
_pdbx_struct_oper_list.matrix[2][1]         0.0000000000 
_pdbx_struct_oper_list.matrix[2][2]         1.0000000000 
_pdbx_struct_oper_list.matrix[2][3]         0.0000000000 
_pdbx_struct_oper_list.vector[2]            0.0000000000 
_pdbx_struct_oper_list.matrix[3][1]         0.0000000000 
_pdbx_struct_oper_list.matrix[3][2]         0.0000000000 
_pdbx_struct_oper_list.matrix[3][3]         1.0000000000 
_pdbx_struct_oper_list.vector[3]            0.0000000000 
# 
_struct_biol.id   1 
# 
loop_
_struct_site.id 
_struct_site.pdbx_evidence_code 
_struct_site.pdbx_auth_asym_id 
_struct_site.pdbx_auth_comp_id 
_struct_site.pdbx_auth_seq_id 
_struct_site.pdbx_auth_ins_code 
_struct_site.pdbx_num_residues 
_struct_site.details 
AC1 Software A NAP 350 ? 8 'BINDING SITE FOR RESIDUE NAP A 350' 
AC2 Software A TOL 600 ? 1 'BINDING SITE FOR RESIDUE TOL A 600' 
# 
loop_
_struct_site_gen.id 
_struct_site_gen.site_id 
_struct_site_gen.pdbx_num_res 
_struct_site_gen.label_comp_id 
_struct_site_gen.label_asym_id 
_struct_site_gen.label_seq_id 
_struct_site_gen.pdbx_auth_ins_code 
_struct_site_gen.auth_comp_id 
_struct_site_gen.auth_asym_id 
_struct_site_gen.auth_seq_id 
_struct_site_gen.label_atom_id 
_struct_site_gen.label_alt_id 
_struct_site_gen.symmetry 
_struct_site_gen.details 
1 AC1 8 GLY A 20  ? GLY A 20  . ? 1_555 ? 
2 AC1 8 TRP A 22  ? TRP A 22  . ? 1_555 ? 
3 AC1 8 SER A 211 ? SER A 211 . ? 1_555 ? 
4 AC1 8 LEU A 213 ? LEU A 213 . ? 1_555 ? 
5 AC1 8 SER A 215 ? SER A 215 . ? 1_555 ? 
6 AC1 8 PRO A 262 ? PRO A 262 . ? 1_555 ? 
7 AC1 8 SER A 264 ? SER A 264 . ? 1_555 ? 
8 AC1 8 TOL C .   ? TOL A 600 . ? 1_555 ? 
9 AC2 1 NAP B .   ? NAP A 350 . ? 1_555 ? 
# 
_pdbx_unobs_or_zero_occ_residues.id               1 
_pdbx_unobs_or_zero_occ_residues.PDB_model_num    1 
_pdbx_unobs_or_zero_occ_residues.polymer_flag     Y 
_pdbx_unobs_or_zero_occ_residues.occupancy_flag   1 
_pdbx_unobs_or_zero_occ_residues.auth_asym_id     A 
_pdbx_unobs_or_zero_occ_residues.auth_comp_id     MET 
_pdbx_unobs_or_zero_occ_residues.auth_seq_id      1 
_pdbx_unobs_or_zero_occ_residues.PDB_ins_code     ? 
_pdbx_unobs_or_zero_occ_residues.label_asym_id    A 
_pdbx_unobs_or_zero_occ_residues.label_comp_id    MET 
_pdbx_unobs_or_zero_occ_residues.label_seq_id     1 
# 
loop_
_chem_comp_atom.comp_id 
_chem_comp_atom.atom_id 
_chem_comp_atom.type_symbol 
_chem_comp_atom.pdbx_aromatic_flag 
_chem_comp_atom.pdbx_stereo_config 
_chem_comp_atom.pdbx_ordinal 
ALA N    N N N 1   
ALA CA   C N S 2   
ALA C    C N N 3   
ALA O    O N N 4   
ALA CB   C N N 5   
ALA OXT  O N N 6   
ALA H    H N N 7   
ALA H2   H N N 8   
ALA HA   H N N 9   
ALA HB1  H N N 10  
ALA HB2  H N N 11  
ALA HB3  H N N 12  
ALA HXT  H N N 13  
ARG N    N N N 14  
ARG CA   C N S 15  
ARG C    C N N 16  
ARG O    O N N 17  
ARG CB   C N N 18  
ARG CG   C N N 19  
ARG CD   C N N 20  
ARG NE   N N N 21  
ARG CZ   C N N 22  
ARG NH1  N N N 23  
ARG NH2  N N N 24  
ARG OXT  O N N 25  
ARG H    H N N 26  
ARG H2   H N N 27  
ARG HA   H N N 28  
ARG HB2  H N N 29  
ARG HB3  H N N 30  
ARG HG2  H N N 31  
ARG HG3  H N N 32  
ARG HD2  H N N 33  
ARG HD3  H N N 34  
ARG HE   H N N 35  
ARG HH11 H N N 36  
ARG HH12 H N N 37  
ARG HH21 H N N 38  
ARG HH22 H N N 39  
ARG HXT  H N N 40  
ASN N    N N N 41  
ASN CA   C N S 42  
ASN C    C N N 43  
ASN O    O N N 44  
ASN CB   C N N 45  
ASN CG   C N N 46  
ASN OD1  O N N 47  
ASN ND2  N N N 48  
ASN OXT  O N N 49  
ASN H    H N N 50  
ASN H2   H N N 51  
ASN HA   H N N 52  
ASN HB2  H N N 53  
ASN HB3  H N N 54  
ASN HD21 H N N 55  
ASN HD22 H N N 56  
ASN HXT  H N N 57  
ASP N    N N N 58  
ASP CA   C N S 59  
ASP C    C N N 60  
ASP O    O N N 61  
ASP CB   C N N 62  
ASP CG   C N N 63  
ASP OD1  O N N 64  
ASP OD2  O N N 65  
ASP OXT  O N N 66  
ASP H    H N N 67  
ASP H2   H N N 68  
ASP HA   H N N 69  
ASP HB2  H N N 70  
ASP HB3  H N N 71  
ASP HD2  H N N 72  
ASP HXT  H N N 73  
CYS N    N N N 74  
CYS CA   C N R 75  
CYS C    C N N 76  
CYS O    O N N 77  
CYS CB   C N N 78  
CYS SG   S N N 79  
CYS OXT  O N N 80  
CYS H    H N N 81  
CYS H2   H N N 82  
CYS HA   H N N 83  
CYS HB2  H N N 84  
CYS HB3  H N N 85  
CYS HG   H N N 86  
CYS HXT  H N N 87  
GLN N    N N N 88  
GLN CA   C N S 89  
GLN C    C N N 90  
GLN O    O N N 91  
GLN CB   C N N 92  
GLN CG   C N N 93  
GLN CD   C N N 94  
GLN OE1  O N N 95  
GLN NE2  N N N 96  
GLN OXT  O N N 97  
GLN H    H N N 98  
GLN H2   H N N 99  
GLN HA   H N N 100 
GLN HB2  H N N 101 
GLN HB3  H N N 102 
GLN HG2  H N N 103 
GLN HG3  H N N 104 
GLN HE21 H N N 105 
GLN HE22 H N N 106 
GLN HXT  H N N 107 
GLU N    N N N 108 
GLU CA   C N S 109 
GLU C    C N N 110 
GLU O    O N N 111 
GLU CB   C N N 112 
GLU CG   C N N 113 
GLU CD   C N N 114 
GLU OE1  O N N 115 
GLU OE2  O N N 116 
GLU OXT  O N N 117 
GLU H    H N N 118 
GLU H2   H N N 119 
GLU HA   H N N 120 
GLU HB2  H N N 121 
GLU HB3  H N N 122 
GLU HG2  H N N 123 
GLU HG3  H N N 124 
GLU HE2  H N N 125 
GLU HXT  H N N 126 
GLY N    N N N 127 
GLY CA   C N N 128 
GLY C    C N N 129 
GLY O    O N N 130 
GLY OXT  O N N 131 
GLY H    H N N 132 
GLY H2   H N N 133 
GLY HA2  H N N 134 
GLY HA3  H N N 135 
GLY HXT  H N N 136 
HIS N    N N N 137 
HIS CA   C N S 138 
HIS C    C N N 139 
HIS O    O N N 140 
HIS CB   C N N 141 
HIS CG   C Y N 142 
HIS ND1  N Y N 143 
HIS CD2  C Y N 144 
HIS CE1  C Y N 145 
HIS NE2  N Y N 146 
HIS OXT  O N N 147 
HIS H    H N N 148 
HIS H2   H N N 149 
HIS HA   H N N 150 
HIS HB2  H N N 151 
HIS HB3  H N N 152 
HIS HD1  H N N 153 
HIS HD2  H N N 154 
HIS HE1  H N N 155 
HIS HE2  H N N 156 
HIS HXT  H N N 157 
ILE N    N N N 158 
ILE CA   C N S 159 
ILE C    C N N 160 
ILE O    O N N 161 
ILE CB   C N S 162 
ILE CG1  C N N 163 
ILE CG2  C N N 164 
ILE CD1  C N N 165 
ILE OXT  O N N 166 
ILE H    H N N 167 
ILE H2   H N N 168 
ILE HA   H N N 169 
ILE HB   H N N 170 
ILE HG12 H N N 171 
ILE HG13 H N N 172 
ILE HG21 H N N 173 
ILE HG22 H N N 174 
ILE HG23 H N N 175 
ILE HD11 H N N 176 
ILE HD12 H N N 177 
ILE HD13 H N N 178 
ILE HXT  H N N 179 
LEU N    N N N 180 
LEU CA   C N S 181 
LEU C    C N N 182 
LEU O    O N N 183 
LEU CB   C N N 184 
LEU CG   C N N 185 
LEU CD1  C N N 186 
LEU CD2  C N N 187 
LEU OXT  O N N 188 
LEU H    H N N 189 
LEU H2   H N N 190 
LEU HA   H N N 191 
LEU HB2  H N N 192 
LEU HB3  H N N 193 
LEU HG   H N N 194 
LEU HD11 H N N 195 
LEU HD12 H N N 196 
LEU HD13 H N N 197 
LEU HD21 H N N 198 
LEU HD22 H N N 199 
LEU HD23 H N N 200 
LEU HXT  H N N 201 
LYS N    N N N 202 
LYS CA   C N S 203 
LYS C    C N N 204 
LYS O    O N N 205 
LYS CB   C N N 206 
LYS CG   C N N 207 
LYS CD   C N N 208 
LYS CE   C N N 209 
LYS NZ   N N N 210 
LYS OXT  O N N 211 
LYS H    H N N 212 
LYS H2   H N N 213 
LYS HA   H N N 214 
LYS HB2  H N N 215 
LYS HB3  H N N 216 
LYS HG2  H N N 217 
LYS HG3  H N N 218 
LYS HD2  H N N 219 
LYS HD3  H N N 220 
LYS HE2  H N N 221 
LYS HE3  H N N 222 
LYS HZ1  H N N 223 
LYS HZ2  H N N 224 
LYS HZ3  H N N 225 
LYS HXT  H N N 226 
MET N    N N N 227 
MET CA   C N S 228 
MET C    C N N 229 
MET O    O N N 230 
MET CB   C N N 231 
MET CG   C N N 232 
MET SD   S N N 233 
MET CE   C N N 234 
MET OXT  O N N 235 
MET H    H N N 236 
MET H2   H N N 237 
MET HA   H N N 238 
MET HB2  H N N 239 
MET HB3  H N N 240 
MET HG2  H N N 241 
MET HG3  H N N 242 
MET HE1  H N N 243 
MET HE2  H N N 244 
MET HE3  H N N 245 
MET HXT  H N N 246 
NAP PA   P N R 247 
NAP O1A  O N N 248 
NAP O2A  O N N 249 
NAP O5B  O N N 250 
NAP C5B  C N N 251 
NAP C4B  C N R 252 
NAP O4B  O N N 253 
NAP C3B  C N R 254 
NAP O3B  O N N 255 
NAP C2B  C N R 256 
NAP O2B  O N N 257 
NAP C1B  C N R 258 
NAP N9A  N Y N 259 
NAP C8A  C Y N 260 
NAP N7A  N Y N 261 
NAP C5A  C Y N 262 
NAP C6A  C Y N 263 
NAP N6A  N N N 264 
NAP N1A  N Y N 265 
NAP C2A  C Y N 266 
NAP N3A  N Y N 267 
NAP C4A  C Y N 268 
NAP O3   O N N 269 
NAP PN   P N N 270 
NAP O1N  O N N 271 
NAP O2N  O N N 272 
NAP O5D  O N N 273 
NAP C5D  C N N 274 
NAP C4D  C N R 275 
NAP O4D  O N N 276 
NAP C3D  C N S 277 
NAP O3D  O N N 278 
NAP C2D  C N R 279 
NAP O2D  O N N 280 
NAP C1D  C N R 281 
NAP N1N  N Y N 282 
NAP C2N  C Y N 283 
NAP C3N  C Y N 284 
NAP C7N  C N N 285 
NAP O7N  O N N 286 
NAP N7N  N N N 287 
NAP C4N  C Y N 288 
NAP C5N  C Y N 289 
NAP C6N  C Y N 290 
NAP P2B  P N N 291 
NAP O1X  O N N 292 
NAP O2X  O N N 293 
NAP O3X  O N N 294 
NAP HOA2 H N N 295 
NAP H51A H N N 296 
NAP H52A H N N 297 
NAP H4B  H N N 298 
NAP H3B  H N N 299 
NAP HO3A H N N 300 
NAP H2B  H N N 301 
NAP H1B  H N N 302 
NAP H8A  H N N 303 
NAP H61A H N N 304 
NAP H62A H N N 305 
NAP H2A  H N N 306 
NAP H51N H N N 307 
NAP H52N H N N 308 
NAP H4D  H N N 309 
NAP H3D  H N N 310 
NAP HO3N H N N 311 
NAP H2D  H N N 312 
NAP HO2N H N N 313 
NAP H1D  H N N 314 
NAP H2N  H N N 315 
NAP H71N H N N 316 
NAP H72N H N N 317 
NAP H4N  H N N 318 
NAP H5N  H N N 319 
NAP H6N  H N N 320 
NAP HOP2 H N N 321 
NAP HOP3 H N N 322 
PHE N    N N N 323 
PHE CA   C N S 324 
PHE C    C N N 325 
PHE O    O N N 326 
PHE CB   C N N 327 
PHE CG   C Y N 328 
PHE CD1  C Y N 329 
PHE CD2  C Y N 330 
PHE CE1  C Y N 331 
PHE CE2  C Y N 332 
PHE CZ   C Y N 333 
PHE OXT  O N N 334 
PHE H    H N N 335 
PHE H2   H N N 336 
PHE HA   H N N 337 
PHE HB2  H N N 338 
PHE HB3  H N N 339 
PHE HD1  H N N 340 
PHE HD2  H N N 341 
PHE HE1  H N N 342 
PHE HE2  H N N 343 
PHE HZ   H N N 344 
PHE HXT  H N N 345 
PRO N    N N N 346 
PRO CA   C N S 347 
PRO C    C N N 348 
PRO O    O N N 349 
PRO CB   C N N 350 
PRO CG   C N N 351 
PRO CD   C N N 352 
PRO OXT  O N N 353 
PRO H    H N N 354 
PRO HA   H N N 355 
PRO HB2  H N N 356 
PRO HB3  H N N 357 
PRO HG2  H N N 358 
PRO HG3  H N N 359 
PRO HD2  H N N 360 
PRO HD3  H N N 361 
PRO HXT  H N N 362 
SER N    N N N 363 
SER CA   C N S 364 
SER C    C N N 365 
SER O    O N N 366 
SER CB   C N N 367 
SER OG   O N N 368 
SER OXT  O N N 369 
SER H    H N N 370 
SER H2   H N N 371 
SER HA   H N N 372 
SER HB2  H N N 373 
SER HB3  H N N 374 
SER HG   H N N 375 
SER HXT  H N N 376 
THR N    N N N 377 
THR CA   C N S 378 
THR C    C N N 379 
THR O    O N N 380 
THR CB   C N R 381 
THR OG1  O N N 382 
THR CG2  C N N 383 
THR OXT  O N N 384 
THR H    H N N 385 
THR H2   H N N 386 
THR HA   H N N 387 
THR HB   H N N 388 
THR HG1  H N N 389 
THR HG21 H N N 390 
THR HG22 H N N 391 
THR HG23 H N N 392 
THR HXT  H N N 393 
TOL C1   C N N 394 
TOL F1   F N N 395 
TOL F2   F N N 396 
TOL F3   F N N 397 
TOL C2   C Y N 398 
TOL C3   C Y N 399 
TOL O1   O N N 400 
TOL C4   C N N 401 
TOL C5   C Y N 402 
TOL C6   C Y N 403 
TOL C7   C Y N 404 
TOL C8   C Y N 405 
TOL C9   C Y N 406 
TOL C10  C Y N 407 
TOL C11  C Y N 408 
TOL C12  C Y N 409 
TOL C13  C N N 410 
TOL S1   S N N 411 
TOL N1   N N N 412 
TOL C14  C N N 413 
TOL C15  C N N 414 
TOL C16  C N N 415 
TOL O2   O N N 416 
TOL O3   O N N 417 
TOL H41  H N N 418 
TOL H42  H N N 419 
TOL H43  H N N 420 
TOL H5   H N N 421 
TOL H6   H N N 422 
TOL H9   H N N 423 
TOL H10  H N N 424 
TOL H11  H N N 425 
TOL H141 H N N 426 
TOL H142 H N N 427 
TOL H143 H N N 428 
TOL H151 H N N 429 
TOL H152 H N N 430 
TOL HO3  H N N 431 
TRP N    N N N 432 
TRP CA   C N S 433 
TRP C    C N N 434 
TRP O    O N N 435 
TRP CB   C N N 436 
TRP CG   C Y N 437 
TRP CD1  C Y N 438 
TRP CD2  C Y N 439 
TRP NE1  N Y N 440 
TRP CE2  C Y N 441 
TRP CE3  C Y N 442 
TRP CZ2  C Y N 443 
TRP CZ3  C Y N 444 
TRP CH2  C Y N 445 
TRP OXT  O N N 446 
TRP H    H N N 447 
TRP H2   H N N 448 
TRP HA   H N N 449 
TRP HB2  H N N 450 
TRP HB3  H N N 451 
TRP HD1  H N N 452 
TRP HE1  H N N 453 
TRP HE3  H N N 454 
TRP HZ2  H N N 455 
TRP HZ3  H N N 456 
TRP HH2  H N N 457 
TRP HXT  H N N 458 
TYR N    N N N 459 
TYR CA   C N S 460 
TYR C    C N N 461 
TYR O    O N N 462 
TYR CB   C N N 463 
TYR CG   C Y N 464 
TYR CD1  C Y N 465 
TYR CD2  C Y N 466 
TYR CE1  C Y N 467 
TYR CE2  C Y N 468 
TYR CZ   C Y N 469 
TYR OH   O N N 470 
TYR OXT  O N N 471 
TYR H    H N N 472 
TYR H2   H N N 473 
TYR HA   H N N 474 
TYR HB2  H N N 475 
TYR HB3  H N N 476 
TYR HD1  H N N 477 
TYR HD2  H N N 478 
TYR HE1  H N N 479 
TYR HE2  H N N 480 
TYR HH   H N N 481 
TYR HXT  H N N 482 
VAL N    N N N 483 
VAL CA   C N S 484 
VAL C    C N N 485 
VAL O    O N N 486 
VAL CB   C N N 487 
VAL CG1  C N N 488 
VAL CG2  C N N 489 
VAL OXT  O N N 490 
VAL H    H N N 491 
VAL H2   H N N 492 
VAL HA   H N N 493 
VAL HB   H N N 494 
VAL HG11 H N N 495 
VAL HG12 H N N 496 
VAL HG13 H N N 497 
VAL HG21 H N N 498 
VAL HG22 H N N 499 
VAL HG23 H N N 500 
VAL HXT  H N N 501 
# 
loop_
_chem_comp_bond.comp_id 
_chem_comp_bond.atom_id_1 
_chem_comp_bond.atom_id_2 
_chem_comp_bond.value_order 
_chem_comp_bond.pdbx_aromatic_flag 
_chem_comp_bond.pdbx_stereo_config 
_chem_comp_bond.pdbx_ordinal 
ALA N   CA   sing N N 1   
ALA N   H    sing N N 2   
ALA N   H2   sing N N 3   
ALA CA  C    sing N N 4   
ALA CA  CB   sing N N 5   
ALA CA  HA   sing N N 6   
ALA C   O    doub N N 7   
ALA C   OXT  sing N N 8   
ALA CB  HB1  sing N N 9   
ALA CB  HB2  sing N N 10  
ALA CB  HB3  sing N N 11  
ALA OXT HXT  sing N N 12  
ARG N   CA   sing N N 13  
ARG N   H    sing N N 14  
ARG N   H2   sing N N 15  
ARG CA  C    sing N N 16  
ARG CA  CB   sing N N 17  
ARG CA  HA   sing N N 18  
ARG C   O    doub N N 19  
ARG C   OXT  sing N N 20  
ARG CB  CG   sing N N 21  
ARG CB  HB2  sing N N 22  
ARG CB  HB3  sing N N 23  
ARG CG  CD   sing N N 24  
ARG CG  HG2  sing N N 25  
ARG CG  HG3  sing N N 26  
ARG CD  NE   sing N N 27  
ARG CD  HD2  sing N N 28  
ARG CD  HD3  sing N N 29  
ARG NE  CZ   sing N N 30  
ARG NE  HE   sing N N 31  
ARG CZ  NH1  sing N N 32  
ARG CZ  NH2  doub N N 33  
ARG NH1 HH11 sing N N 34  
ARG NH1 HH12 sing N N 35  
ARG NH2 HH21 sing N N 36  
ARG NH2 HH22 sing N N 37  
ARG OXT HXT  sing N N 38  
ASN N   CA   sing N N 39  
ASN N   H    sing N N 40  
ASN N   H2   sing N N 41  
ASN CA  C    sing N N 42  
ASN CA  CB   sing N N 43  
ASN CA  HA   sing N N 44  
ASN C   O    doub N N 45  
ASN C   OXT  sing N N 46  
ASN CB  CG   sing N N 47  
ASN CB  HB2  sing N N 48  
ASN CB  HB3  sing N N 49  
ASN CG  OD1  doub N N 50  
ASN CG  ND2  sing N N 51  
ASN ND2 HD21 sing N N 52  
ASN ND2 HD22 sing N N 53  
ASN OXT HXT  sing N N 54  
ASP N   CA   sing N N 55  
ASP N   H    sing N N 56  
ASP N   H2   sing N N 57  
ASP CA  C    sing N N 58  
ASP CA  CB   sing N N 59  
ASP CA  HA   sing N N 60  
ASP C   O    doub N N 61  
ASP C   OXT  sing N N 62  
ASP CB  CG   sing N N 63  
ASP CB  HB2  sing N N 64  
ASP CB  HB3  sing N N 65  
ASP CG  OD1  doub N N 66  
ASP CG  OD2  sing N N 67  
ASP OD2 HD2  sing N N 68  
ASP OXT HXT  sing N N 69  
CYS N   CA   sing N N 70  
CYS N   H    sing N N 71  
CYS N   H2   sing N N 72  
CYS CA  C    sing N N 73  
CYS CA  CB   sing N N 74  
CYS CA  HA   sing N N 75  
CYS C   O    doub N N 76  
CYS C   OXT  sing N N 77  
CYS CB  SG   sing N N 78  
CYS CB  HB2  sing N N 79  
CYS CB  HB3  sing N N 80  
CYS SG  HG   sing N N 81  
CYS OXT HXT  sing N N 82  
GLN N   CA   sing N N 83  
GLN N   H    sing N N 84  
GLN N   H2   sing N N 85  
GLN CA  C    sing N N 86  
GLN CA  CB   sing N N 87  
GLN CA  HA   sing N N 88  
GLN C   O    doub N N 89  
GLN C   OXT  sing N N 90  
GLN CB  CG   sing N N 91  
GLN CB  HB2  sing N N 92  
GLN CB  HB3  sing N N 93  
GLN CG  CD   sing N N 94  
GLN CG  HG2  sing N N 95  
GLN CG  HG3  sing N N 96  
GLN CD  OE1  doub N N 97  
GLN CD  NE2  sing N N 98  
GLN NE2 HE21 sing N N 99  
GLN NE2 HE22 sing N N 100 
GLN OXT HXT  sing N N 101 
GLU N   CA   sing N N 102 
GLU N   H    sing N N 103 
GLU N   H2   sing N N 104 
GLU CA  C    sing N N 105 
GLU CA  CB   sing N N 106 
GLU CA  HA   sing N N 107 
GLU C   O    doub N N 108 
GLU C   OXT  sing N N 109 
GLU CB  CG   sing N N 110 
GLU CB  HB2  sing N N 111 
GLU CB  HB3  sing N N 112 
GLU CG  CD   sing N N 113 
GLU CG  HG2  sing N N 114 
GLU CG  HG3  sing N N 115 
GLU CD  OE1  doub N N 116 
GLU CD  OE2  sing N N 117 
GLU OE2 HE2  sing N N 118 
GLU OXT HXT  sing N N 119 
GLY N   CA   sing N N 120 
GLY N   H    sing N N 121 
GLY N   H2   sing N N 122 
GLY CA  C    sing N N 123 
GLY CA  HA2  sing N N 124 
GLY CA  HA3  sing N N 125 
GLY C   O    doub N N 126 
GLY C   OXT  sing N N 127 
GLY OXT HXT  sing N N 128 
HIS N   CA   sing N N 129 
HIS N   H    sing N N 130 
HIS N   H2   sing N N 131 
HIS CA  C    sing N N 132 
HIS CA  CB   sing N N 133 
HIS CA  HA   sing N N 134 
HIS C   O    doub N N 135 
HIS C   OXT  sing N N 136 
HIS CB  CG   sing N N 137 
HIS CB  HB2  sing N N 138 
HIS CB  HB3  sing N N 139 
HIS CG  ND1  sing Y N 140 
HIS CG  CD2  doub Y N 141 
HIS ND1 CE1  doub Y N 142 
HIS ND1 HD1  sing N N 143 
HIS CD2 NE2  sing Y N 144 
HIS CD2 HD2  sing N N 145 
HIS CE1 NE2  sing Y N 146 
HIS CE1 HE1  sing N N 147 
HIS NE2 HE2  sing N N 148 
HIS OXT HXT  sing N N 149 
ILE N   CA   sing N N 150 
ILE N   H    sing N N 151 
ILE N   H2   sing N N 152 
ILE CA  C    sing N N 153 
ILE CA  CB   sing N N 154 
ILE CA  HA   sing N N 155 
ILE C   O    doub N N 156 
ILE C   OXT  sing N N 157 
ILE CB  CG1  sing N N 158 
ILE CB  CG2  sing N N 159 
ILE CB  HB   sing N N 160 
ILE CG1 CD1  sing N N 161 
ILE CG1 HG12 sing N N 162 
ILE CG1 HG13 sing N N 163 
ILE CG2 HG21 sing N N 164 
ILE CG2 HG22 sing N N 165 
ILE CG2 HG23 sing N N 166 
ILE CD1 HD11 sing N N 167 
ILE CD1 HD12 sing N N 168 
ILE CD1 HD13 sing N N 169 
ILE OXT HXT  sing N N 170 
LEU N   CA   sing N N 171 
LEU N   H    sing N N 172 
LEU N   H2   sing N N 173 
LEU CA  C    sing N N 174 
LEU CA  CB   sing N N 175 
LEU CA  HA   sing N N 176 
LEU C   O    doub N N 177 
LEU C   OXT  sing N N 178 
LEU CB  CG   sing N N 179 
LEU CB  HB2  sing N N 180 
LEU CB  HB3  sing N N 181 
LEU CG  CD1  sing N N 182 
LEU CG  CD2  sing N N 183 
LEU CG  HG   sing N N 184 
LEU CD1 HD11 sing N N 185 
LEU CD1 HD12 sing N N 186 
LEU CD1 HD13 sing N N 187 
LEU CD2 HD21 sing N N 188 
LEU CD2 HD22 sing N N 189 
LEU CD2 HD23 sing N N 190 
LEU OXT HXT  sing N N 191 
LYS N   CA   sing N N 192 
LYS N   H    sing N N 193 
LYS N   H2   sing N N 194 
LYS CA  C    sing N N 195 
LYS CA  CB   sing N N 196 
LYS CA  HA   sing N N 197 
LYS C   O    doub N N 198 
LYS C   OXT  sing N N 199 
LYS CB  CG   sing N N 200 
LYS CB  HB2  sing N N 201 
LYS CB  HB3  sing N N 202 
LYS CG  CD   sing N N 203 
LYS CG  HG2  sing N N 204 
LYS CG  HG3  sing N N 205 
LYS CD  CE   sing N N 206 
LYS CD  HD2  sing N N 207 
LYS CD  HD3  sing N N 208 
LYS CE  NZ   sing N N 209 
LYS CE  HE2  sing N N 210 
LYS CE  HE3  sing N N 211 
LYS NZ  HZ1  sing N N 212 
LYS NZ  HZ2  sing N N 213 
LYS NZ  HZ3  sing N N 214 
LYS OXT HXT  sing N N 215 
MET N   CA   sing N N 216 
MET N   H    sing N N 217 
MET N   H2   sing N N 218 
MET CA  C    sing N N 219 
MET CA  CB   sing N N 220 
MET CA  HA   sing N N 221 
MET C   O    doub N N 222 
MET C   OXT  sing N N 223 
MET CB  CG   sing N N 224 
MET CB  HB2  sing N N 225 
MET CB  HB3  sing N N 226 
MET CG  SD   sing N N 227 
MET CG  HG2  sing N N 228 
MET CG  HG3  sing N N 229 
MET SD  CE   sing N N 230 
MET CE  HE1  sing N N 231 
MET CE  HE2  sing N N 232 
MET CE  HE3  sing N N 233 
MET OXT HXT  sing N N 234 
NAP PA  O1A  doub N N 235 
NAP PA  O2A  sing N N 236 
NAP PA  O5B  sing N N 237 
NAP PA  O3   sing N N 238 
NAP O2A HOA2 sing N N 239 
NAP O5B C5B  sing N N 240 
NAP C5B C4B  sing N N 241 
NAP C5B H51A sing N N 242 
NAP C5B H52A sing N N 243 
NAP C4B O4B  sing N N 244 
NAP C4B C3B  sing N N 245 
NAP C4B H4B  sing N N 246 
NAP O4B C1B  sing N N 247 
NAP C3B O3B  sing N N 248 
NAP C3B C2B  sing N N 249 
NAP C3B H3B  sing N N 250 
NAP O3B HO3A sing N N 251 
NAP C2B O2B  sing N N 252 
NAP C2B C1B  sing N N 253 
NAP C2B H2B  sing N N 254 
NAP O2B P2B  sing N N 255 
NAP C1B N9A  sing N N 256 
NAP C1B H1B  sing N N 257 
NAP N9A C8A  sing Y N 258 
NAP N9A C4A  sing Y N 259 
NAP C8A N7A  doub Y N 260 
NAP C8A H8A  sing N N 261 
NAP N7A C5A  sing Y N 262 
NAP C5A C6A  sing Y N 263 
NAP C5A C4A  doub Y N 264 
NAP C6A N6A  sing N N 265 
NAP C6A N1A  doub Y N 266 
NAP N6A H61A sing N N 267 
NAP N6A H62A sing N N 268 
NAP N1A C2A  sing Y N 269 
NAP C2A N3A  doub Y N 270 
NAP C2A H2A  sing N N 271 
NAP N3A C4A  sing Y N 272 
NAP O3  PN   sing N N 273 
NAP PN  O1N  doub N N 274 
NAP PN  O2N  sing N N 275 
NAP PN  O5D  sing N N 276 
NAP O5D C5D  sing N N 277 
NAP C5D C4D  sing N N 278 
NAP C5D H51N sing N N 279 
NAP C5D H52N sing N N 280 
NAP C4D O4D  sing N N 281 
NAP C4D C3D  sing N N 282 
NAP C4D H4D  sing N N 283 
NAP O4D C1D  sing N N 284 
NAP C3D O3D  sing N N 285 
NAP C3D C2D  sing N N 286 
NAP C3D H3D  sing N N 287 
NAP O3D HO3N sing N N 288 
NAP C2D O2D  sing N N 289 
NAP C2D C1D  sing N N 290 
NAP C2D H2D  sing N N 291 
NAP O2D HO2N sing N N 292 
NAP C1D N1N  sing N N 293 
NAP C1D H1D  sing N N 294 
NAP N1N C2N  sing Y N 295 
NAP N1N C6N  doub Y N 296 
NAP C2N C3N  doub Y N 297 
NAP C2N H2N  sing N N 298 
NAP C3N C7N  sing N N 299 
NAP C3N C4N  sing Y N 300 
NAP C7N O7N  doub N N 301 
NAP C7N N7N  sing N N 302 
NAP N7N H71N sing N N 303 
NAP N7N H72N sing N N 304 
NAP C4N C5N  doub Y N 305 
NAP C4N H4N  sing N N 306 
NAP C5N C6N  sing Y N 307 
NAP C5N H5N  sing N N 308 
NAP C6N H6N  sing N N 309 
NAP P2B O1X  doub N N 310 
NAP P2B O2X  sing N N 311 
NAP P2B O3X  sing N N 312 
NAP O2X HOP2 sing N N 313 
NAP O3X HOP3 sing N N 314 
PHE N   CA   sing N N 315 
PHE N   H    sing N N 316 
PHE N   H2   sing N N 317 
PHE CA  C    sing N N 318 
PHE CA  CB   sing N N 319 
PHE CA  HA   sing N N 320 
PHE C   O    doub N N 321 
PHE C   OXT  sing N N 322 
PHE CB  CG   sing N N 323 
PHE CB  HB2  sing N N 324 
PHE CB  HB3  sing N N 325 
PHE CG  CD1  doub Y N 326 
PHE CG  CD2  sing Y N 327 
PHE CD1 CE1  sing Y N 328 
PHE CD1 HD1  sing N N 329 
PHE CD2 CE2  doub Y N 330 
PHE CD2 HD2  sing N N 331 
PHE CE1 CZ   doub Y N 332 
PHE CE1 HE1  sing N N 333 
PHE CE2 CZ   sing Y N 334 
PHE CE2 HE2  sing N N 335 
PHE CZ  HZ   sing N N 336 
PHE OXT HXT  sing N N 337 
PRO N   CA   sing N N 338 
PRO N   CD   sing N N 339 
PRO N   H    sing N N 340 
PRO CA  C    sing N N 341 
PRO CA  CB   sing N N 342 
PRO CA  HA   sing N N 343 
PRO C   O    doub N N 344 
PRO C   OXT  sing N N 345 
PRO CB  CG   sing N N 346 
PRO CB  HB2  sing N N 347 
PRO CB  HB3  sing N N 348 
PRO CG  CD   sing N N 349 
PRO CG  HG2  sing N N 350 
PRO CG  HG3  sing N N 351 
PRO CD  HD2  sing N N 352 
PRO CD  HD3  sing N N 353 
PRO OXT HXT  sing N N 354 
SER N   CA   sing N N 355 
SER N   H    sing N N 356 
SER N   H2   sing N N 357 
SER CA  C    sing N N 358 
SER CA  CB   sing N N 359 
SER CA  HA   sing N N 360 
SER C   O    doub N N 361 
SER C   OXT  sing N N 362 
SER CB  OG   sing N N 363 
SER CB  HB2  sing N N 364 
SER CB  HB3  sing N N 365 
SER OG  HG   sing N N 366 
SER OXT HXT  sing N N 367 
THR N   CA   sing N N 368 
THR N   H    sing N N 369 
THR N   H2   sing N N 370 
THR CA  C    sing N N 371 
THR CA  CB   sing N N 372 
THR CA  HA   sing N N 373 
THR C   O    doub N N 374 
THR C   OXT  sing N N 375 
THR CB  OG1  sing N N 376 
THR CB  CG2  sing N N 377 
THR CB  HB   sing N N 378 
THR OG1 HG1  sing N N 379 
THR CG2 HG21 sing N N 380 
THR CG2 HG22 sing N N 381 
THR CG2 HG23 sing N N 382 
THR OXT HXT  sing N N 383 
TOL C1  F1   sing N N 384 
TOL C1  F2   sing N N 385 
TOL C1  F3   sing N N 386 
TOL C1  C2   sing N N 387 
TOL C2  C3   doub Y N 388 
TOL C2  C12  sing Y N 389 
TOL C3  O1   sing N N 390 
TOL C3  C5   sing Y N 391 
TOL O1  C4   sing N N 392 
TOL C4  H41  sing N N 393 
TOL C4  H42  sing N N 394 
TOL C4  H43  sing N N 395 
TOL C5  C6   doub Y N 396 
TOL C5  H5   sing N N 397 
TOL C6  C7   sing Y N 398 
TOL C6  H6   sing N N 399 
TOL C7  C8   doub Y N 400 
TOL C7  C12  sing Y N 401 
TOL C8  C9   sing Y N 402 
TOL C8  C13  sing N N 403 
TOL C9  C10  doub Y N 404 
TOL C9  H9   sing N N 405 
TOL C10 C11  sing Y N 406 
TOL C10 H10  sing N N 407 
TOL C11 C12  doub Y N 408 
TOL C11 H11  sing N N 409 
TOL C13 S1   doub N N 410 
TOL C13 N1   sing N N 411 
TOL N1  C14  sing N N 412 
TOL N1  C15  sing N N 413 
TOL C14 H141 sing N N 414 
TOL C14 H142 sing N N 415 
TOL C14 H143 sing N N 416 
TOL C15 C16  sing N N 417 
TOL C15 H151 sing N N 418 
TOL C15 H152 sing N N 419 
TOL C16 O2   doub N N 420 
TOL C16 O3   sing N N 421 
TOL O3  HO3  sing N N 422 
TRP N   CA   sing N N 423 
TRP N   H    sing N N 424 
TRP N   H2   sing N N 425 
TRP CA  C    sing N N 426 
TRP CA  CB   sing N N 427 
TRP CA  HA   sing N N 428 
TRP C   O    doub N N 429 
TRP C   OXT  sing N N 430 
TRP CB  CG   sing N N 431 
TRP CB  HB2  sing N N 432 
TRP CB  HB3  sing N N 433 
TRP CG  CD1  doub Y N 434 
TRP CG  CD2  sing Y N 435 
TRP CD1 NE1  sing Y N 436 
TRP CD1 HD1  sing N N 437 
TRP CD2 CE2  doub Y N 438 
TRP CD2 CE3  sing Y N 439 
TRP NE1 CE2  sing Y N 440 
TRP NE1 HE1  sing N N 441 
TRP CE2 CZ2  sing Y N 442 
TRP CE3 CZ3  doub Y N 443 
TRP CE3 HE3  sing N N 444 
TRP CZ2 CH2  doub Y N 445 
TRP CZ2 HZ2  sing N N 446 
TRP CZ3 CH2  sing Y N 447 
TRP CZ3 HZ3  sing N N 448 
TRP CH2 HH2  sing N N 449 
TRP OXT HXT  sing N N 450 
TYR N   CA   sing N N 451 
TYR N   H    sing N N 452 
TYR N   H2   sing N N 453 
TYR CA  C    sing N N 454 
TYR CA  CB   sing N N 455 
TYR CA  HA   sing N N 456 
TYR C   O    doub N N 457 
TYR C   OXT  sing N N 458 
TYR CB  CG   sing N N 459 
TYR CB  HB2  sing N N 460 
TYR CB  HB3  sing N N 461 
TYR CG  CD1  doub Y N 462 
TYR CG  CD2  sing Y N 463 
TYR CD1 CE1  sing Y N 464 
TYR CD1 HD1  sing N N 465 
TYR CD2 CE2  doub Y N 466 
TYR CD2 HD2  sing N N 467 
TYR CE1 CZ   doub Y N 468 
TYR CE1 HE1  sing N N 469 
TYR CE2 CZ   sing Y N 470 
TYR CE2 HE2  sing N N 471 
TYR CZ  OH   sing N N 472 
TYR OH  HH   sing N N 473 
TYR OXT HXT  sing N N 474 
VAL N   CA   sing N N 475 
VAL N   H    sing N N 476 
VAL N   H2   sing N N 477 
VAL CA  C    sing N N 478 
VAL CA  CB   sing N N 479 
VAL CA  HA   sing N N 480 
VAL C   O    doub N N 481 
VAL C   OXT  sing N N 482 
VAL CB  CG1  sing N N 483 
VAL CB  CG2  sing N N 484 
VAL CB  HB   sing N N 485 
VAL CG1 HG11 sing N N 486 
VAL CG1 HG12 sing N N 487 
VAL CG1 HG13 sing N N 488 
VAL CG2 HG21 sing N N 489 
VAL CG2 HG22 sing N N 490 
VAL CG2 HG23 sing N N 491 
VAL OXT HXT  sing N N 492 
# 
_pdbx_coordinate_model.asym_id   A 
_pdbx_coordinate_model.type      'CA ATOMS ONLY' 
# 
_pdbx_initial_refinement_model.accession_code   2ALR 
_pdbx_initial_refinement_model.id               1 
_pdbx_initial_refinement_model.entity_id_list   ? 
_pdbx_initial_refinement_model.type             'experimental model' 
_pdbx_initial_refinement_model.source_name      PDB 
_pdbx_initial_refinement_model.details          'PORCINE ALDEHYDE REDUCTASE IN COMPLEX WITH COENZYME' 
# 
_atom_sites.entry_id                    1AE4 
_atom_sites.fract_transf_matrix[1][1]   0.01137365 
_atom_sites.fract_transf_matrix[1][2]   -0.00621251 
_atom_sites.fract_transf_matrix[1][3]   -0.01104912 
_atom_sites.fract_transf_matrix[2][1]   0.00003537 
_atom_sites.fract_transf_matrix[2][2]   -0.01661359 
_atom_sites.fract_transf_matrix[2][3]   -0.00374732 
_atom_sites.fract_transf_matrix[3][1]   -0.00260155 
_atom_sites.fract_transf_matrix[3][2]   0.00068542 
_atom_sites.fract_transf_matrix[3][3]   -0.00306334 
_atom_sites.fract_transf_vector[1]      -0.181736 
_atom_sites.fract_transf_vector[2]      0.679492 
_atom_sites.fract_transf_vector[3]      0.039510 
# 
loop_
_atom_type.symbol 
C 
F 
N 
O 
P 
S 
# 
loop_
_atom_site.group_PDB 
_atom_site.id 
_atom_site.type_symbol 
_atom_site.label_atom_id 
_atom_site.label_alt_id 
_atom_site.label_comp_id 
_atom_site.label_asym_id 
_atom_site.label_entity_id 
_atom_site.label_seq_id 
_atom_site.pdbx_PDB_ins_code 
_atom_site.Cartn_x 
_atom_site.Cartn_y 
_atom_site.Cartn_z 
_atom_site.occupancy 
_atom_site.B_iso_or_equiv 
_atom_site.pdbx_formal_charge 
_atom_site.auth_seq_id 
_atom_site.auth_comp_id 
_atom_site.auth_asym_id 
_atom_site.auth_atom_id 
_atom_site.pdbx_PDB_model_num 
ATOM   1   C CA  . ALA A 1 2   ? -15.635 -5.749  -11.265 1.00 15.00 ? 2   ALA A CA  1 
ATOM   2   C CA  . ALA A 1 3   ? -11.845 -5.627  -11.725 1.00 15.00 ? 3   ALA A CA  1 
ATOM   3   C CA  . SER A 1 4   ? -9.252  -7.977  -13.070 1.00 15.00 ? 4   SER A CA  1 
ATOM   4   C CA  . CYS A 1 5   ? -7.237  -10.134 -10.669 1.00 15.00 ? 5   CYS A CA  1 
ATOM   5   C CA  . VAL A 1 6   ? -3.663  -11.294 -10.689 1.00 15.00 ? 6   VAL A CA  1 
ATOM   6   C CA  . LEU A 1 7   ? -2.466  -14.605 -9.316  1.00 15.00 ? 7   LEU A CA  1 
ATOM   7   C CA  . LEU A 1 8   ? 0.082   -14.291 -6.454  1.00 15.00 ? 8   LEU A CA  1 
ATOM   8   C CA  . HIS A 1 9   ? 2.477   -17.198 -5.852  1.00 15.00 ? 9   HIS A CA  1 
ATOM   9   C CA  . THR A 1 10  ? 0.040   -18.747 -3.360  1.00 15.00 ? 10  THR A CA  1 
ATOM   10  C CA  . GLY A 1 11  ? -2.937  -19.296 -5.634  1.00 15.00 ? 11  GLY A CA  1 
ATOM   11  C CA  . GLN A 1 12  ? -4.912  -16.337 -4.425  1.00 15.00 ? 12  GLN A CA  1 
ATOM   12  C CA  . LYS A 1 13  ? -6.528  -13.949 -6.936  1.00 15.00 ? 13  LYS A CA  1 
ATOM   13  C CA  . MET A 1 14  ? -5.846  -10.304 -5.963  1.00 15.00 ? 14  MET A CA  1 
ATOM   14  C CA  . PRO A 1 15  ? -7.775  -7.426  -7.719  1.00 15.00 ? 15  PRO A CA  1 
ATOM   15  C CA  . LEU A 1 16  ? -5.689  -4.989  -9.763  1.00 15.00 ? 16  LEU A CA  1 
ATOM   16  C CA  . ILE A 1 17  ? -7.453  -2.071  -8.087  1.00 15.00 ? 17  ILE A CA  1 
ATOM   17  C CA  . GLY A 1 18  ? -8.186  -1.751  -4.365  1.00 15.00 ? 18  GLY A CA  1 
ATOM   18  C CA  . LEU A 1 19  ? -9.356  1.015   -2.014  1.00 15.00 ? 19  LEU A CA  1 
ATOM   19  C CA  . GLY A 1 20  ? -6.539  2.674   -0.052  1.00 15.00 ? 20  GLY A CA  1 
ATOM   20  C CA  . THR A 1 21  ? -7.450  4.051   3.435   1.00 15.00 ? 21  THR A CA  1 
ATOM   21  C CA  . TRP A 1 22  ? -4.732  6.472   4.395   1.00 15.00 ? 22  TRP A CA  1 
ATOM   22  C CA  . LYS A 1 23  ? -6.414  9.758   5.280   1.00 15.00 ? 23  LYS A CA  1 
ATOM   23  C CA  . SER A 1 24  ? -9.990  8.540   5.167   1.00 15.00 ? 24  SER A CA  1 
ATOM   24  C CA  . GLU A 1 25  ? -10.747 9.599   8.715   1.00 15.00 ? 25  GLU A CA  1 
ATOM   25  C CA  . PRO A 1 26  ? -13.631 8.166   10.770  1.00 15.00 ? 26  PRO A CA  1 
ATOM   26  C CA  . GLY A 1 27  ? -17.192 9.476   10.613  1.00 15.00 ? 27  GLY A CA  1 
ATOM   27  C CA  . GLN A 1 28  ? -16.457 9.189   6.915   1.00 15.00 ? 28  GLN A CA  1 
ATOM   28  C CA  . VAL A 1 29  ? -14.469 6.065   6.024   1.00 15.00 ? 29  VAL A CA  1 
ATOM   29  C CA  . LYS A 1 30  ? -17.578 3.907   6.595   1.00 15.00 ? 30  LYS A CA  1 
ATOM   30  C CA  . ALA A 1 31  ? -19.657 5.294   3.749   1.00 15.00 ? 31  ALA A CA  1 
ATOM   31  C CA  . ALA A 1 32  ? -16.644 4.973   1.442   1.00 15.00 ? 32  ALA A CA  1 
ATOM   32  C CA  . ILE A 1 33  ? -16.562 1.185   2.026   1.00 15.00 ? 33  ILE A CA  1 
ATOM   33  C CA  . LYS A 1 34  ? -20.265 0.440   1.863   1.00 15.00 ? 34  LYS A CA  1 
ATOM   34  C CA  . TYR A 1 35  ? -20.007 2.287   -1.446  1.00 15.00 ? 35  TYR A CA  1 
ATOM   35  C CA  . ALA A 1 36  ? -16.767 0.931   -3.024  1.00 15.00 ? 36  ALA A CA  1 
ATOM   36  C CA  . LEU A 1 37  ? -18.097 -2.515  -2.112  1.00 15.00 ? 37  LEU A CA  1 
ATOM   37  C CA  . THR A 1 38  ? -21.438 -1.929  -3.834  1.00 15.00 ? 38  THR A CA  1 
ATOM   38  C CA  . VAL A 1 39  ? -19.774 -0.477  -6.916  1.00 15.00 ? 39  VAL A CA  1 
ATOM   39  C CA  . GLY A 1 40  ? -17.702 -3.641  -7.258  1.00 15.00 ? 40  GLY A CA  1 
ATOM   40  C CA  . TYR A 1 41  ? -14.440 -3.215  -5.260  1.00 15.00 ? 41  TYR A CA  1 
ATOM   41  C CA  . ARG A 1 42  ? -13.105 -6.356  -3.587  1.00 15.00 ? 42  ARG A CA  1 
ATOM   42  C CA  . HIS A 1 43  ? -9.652  -5.346  -2.591  1.00 15.00 ? 43  HIS A CA  1 
ATOM   43  C CA  . ILE A 1 44  ? -9.323  -3.135  0.474   1.00 15.00 ? 44  ILE A CA  1 
ATOM   44  C CA  . ASP A 1 45  ? -6.047  -2.073  2.037   1.00 15.00 ? 45  ASP A CA  1 
ATOM   45  C CA  . CYS A 1 46  ? -5.937  -0.846  5.606   1.00 15.00 ? 46  CYS A CA  1 
ATOM   46  C CA  . ALA A 1 47  ? -3.252  -0.276  8.258   1.00 15.00 ? 47  ALA A CA  1 
ATOM   47  C CA  . ALA A 1 48  ? -3.423  0.016   12.057  1.00 15.00 ? 48  ALA A CA  1 
ATOM   48  C CA  . ILE A 1 49  ? -1.478  3.280   11.790  1.00 15.00 ? 49  ILE A CA  1 
ATOM   49  C CA  . TYR A 1 50  ? -4.291  4.861   9.683   1.00 15.00 ? 50  TYR A CA  1 
ATOM   50  C CA  . GLY A 1 51  ? -6.417  5.087   12.836  1.00 15.00 ? 51  GLY A CA  1 
ATOM   51  C CA  . ASN A 1 52  ? -9.514  3.973   10.948  1.00 15.00 ? 52  ASN A CA  1 
ATOM   52  C CA  . GLU A 1 53  ? -9.549  0.193   11.098  1.00 15.00 ? 53  GLU A CA  1 
ATOM   53  C CA  . LEU A 1 54  ? -12.289 0.604   13.666  1.00 15.00 ? 54  LEU A CA  1 
ATOM   54  C CA  . GLU A 1 55  ? -14.915 2.109   11.321  1.00 15.00 ? 55  GLU A CA  1 
ATOM   55  C CA  . ILE A 1 56  ? -13.936 -0.131  8.408   1.00 15.00 ? 56  ILE A CA  1 
ATOM   56  C CA  . GLY A 1 57  ? -14.739 -2.864  10.860  1.00 15.00 ? 57  GLY A CA  1 
ATOM   57  C CA  . GLU A 1 58  ? -18.343 -1.750  11.195  1.00 15.00 ? 58  GLU A CA  1 
ATOM   58  C CA  . ALA A 1 59  ? -18.776 -1.388  7.455   1.00 15.00 ? 59  ALA A CA  1 
ATOM   59  C CA  . LEU A 1 60  ? -17.607 -4.966  6.777   1.00 15.00 ? 60  LEU A CA  1 
ATOM   60  C CA  . THR A 1 61  ? -19.703 -6.141  9.745   1.00 15.00 ? 61  THR A CA  1 
ATOM   61  C CA  . GLU A 1 62  ? -22.627 -4.748  7.831   1.00 15.00 ? 62  GLU A CA  1 
ATOM   62  C CA  . THR A 1 63  ? -21.407 -5.746  4.337   1.00 15.00 ? 63  THR A CA  1 
ATOM   63  C CA  . VAL A 1 64  ? -19.469 -9.014  4.364   1.00 15.00 ? 64  VAL A CA  1 
ATOM   64  C CA  . GLY A 1 65  ? -20.430 -12.636 5.050   1.00 15.00 ? 65  GLY A CA  1 
ATOM   65  C CA  . PRO A 1 66  ? -23.524 -14.925 5.245   1.00 15.00 ? 66  PRO A CA  1 
ATOM   66  C CA  . GLY A 1 67  ? -26.426 -12.604 5.010   1.00 15.00 ? 67  GLY A CA  1 
ATOM   67  C CA  . LYS A 1 68  ? -24.540 -9.665  3.512   1.00 15.00 ? 68  LYS A CA  1 
ATOM   68  C CA  . ALA A 1 69  ? -24.015 -8.067  0.135   1.00 15.00 ? 69  ALA A CA  1 
ATOM   69  C CA  . VAL A 1 70  ? -20.438 -9.416  -0.165  1.00 15.00 ? 70  VAL A CA  1 
ATOM   70  C CA  . PRO A 1 71  ? -19.210 -13.014 0.403   1.00 15.00 ? 71  PRO A CA  1 
ATOM   71  C CA  . ARG A 1 72  ? -16.215 -13.044 2.828   1.00 15.00 ? 72  ARG A CA  1 
ATOM   72  C CA  . GLU A 1 73  ? -14.168 -15.348 0.615   1.00 15.00 ? 73  GLU A CA  1 
ATOM   73  C CA  . GLU A 1 74  ? -14.687 -12.761 -2.130  1.00 15.00 ? 74  GLU A CA  1 
ATOM   74  C CA  . LEU A 1 75  ? -13.258 -9.642  -0.397  1.00 15.00 ? 75  LEU A CA  1 
ATOM   75  C CA  . PHE A 1 76  ? -9.520  -9.151  -0.138  1.00 15.00 ? 76  PHE A CA  1 
ATOM   76  C CA  . VAL A 1 77  ? -8.342  -7.331  3.022   1.00 15.00 ? 77  VAL A CA  1 
ATOM   77  C CA  . THR A 1 78  ? -4.729  -6.291  3.387   1.00 15.00 ? 78  THR A CA  1 
ATOM   78  C CA  . SER A 1 79  ? -3.346  -4.739  6.555   1.00 15.00 ? 79  SER A CA  1 
ATOM   79  C CA  . LYS A 1 80  ? 0.177   -3.898  7.699   1.00 15.00 ? 80  LYS A CA  1 
ATOM   80  C CA  . LEU A 1 81  ? 2.423   -4.385  10.772  1.00 15.00 ? 81  LEU A CA  1 
ATOM   81  C CA  . TRP A 1 82  ? 3.422   -1.057  12.368  1.00 15.00 ? 82  TRP A CA  1 
ATOM   82  C CA  . ASN A 1 83  ? 7.019   -0.027  13.150  1.00 15.00 ? 83  ASN A CA  1 
ATOM   83  C CA  . THR A 1 84  ? 6.871   -0.544  16.937  1.00 15.00 ? 84  THR A CA  1 
ATOM   84  C CA  . LYS A 1 85  ? 5.413   -4.038  16.623  1.00 15.00 ? 85  LYS A CA  1 
ATOM   85  C CA  . HIS A 1 86  ? 8.590   -5.485  15.133  1.00 15.00 ? 86  HIS A CA  1 
ATOM   86  C CA  . HIS A 1 87  ? 9.766   -7.168  18.268  1.00 15.00 ? 87  HIS A CA  1 
ATOM   87  C CA  . PRO A 1 88  ? 8.843   -10.841 17.835  1.00 15.00 ? 88  PRO A CA  1 
ATOM   88  C CA  . GLU A 1 89  ? 6.532   -10.923 20.871  1.00 15.00 ? 89  GLU A CA  1 
ATOM   89  C CA  . ASP A 1 90  ? 4.562   -7.874  19.739  1.00 15.00 ? 90  ASP A CA  1 
ATOM   90  C CA  . VAL A 1 91  ? 3.732   -9.270  16.304  1.00 15.00 ? 91  VAL A CA  1 
ATOM   91  C CA  . GLU A 1 92  ? 0.862   -11.653 17.073  1.00 15.00 ? 92  GLU A CA  1 
ATOM   92  C CA  . PRO A 1 93  ? -1.084  -9.397  19.449  1.00 15.00 ? 93  PRO A CA  1 
ATOM   93  C CA  . ALA A 1 94  ? -0.864  -6.538  16.901  1.00 15.00 ? 94  ALA A CA  1 
ATOM   94  C CA  . LEU A 1 95  ? -2.291  -8.813  14.188  1.00 15.00 ? 95  LEU A CA  1 
ATOM   95  C CA  . ARG A 1 96  ? -5.027  -9.922  16.632  1.00 15.00 ? 96  ARG A CA  1 
ATOM   96  C CA  . LYS A 1 97  ? -5.989  -6.322  17.456  1.00 15.00 ? 97  LYS A CA  1 
ATOM   97  C CA  . THR A 1 98  ? -6.291  -5.433  13.780  1.00 15.00 ? 98  THR A CA  1 
ATOM   98  C CA  . LEU A 1 99  ? -8.343  -8.631  13.331  1.00 15.00 ? 99  LEU A CA  1 
ATOM   99  C CA  . ALA A 1 100 ? -10.314 -7.433  16.358  1.00 15.00 ? 100 ALA A CA  1 
ATOM   100 C CA  . ASP A 1 101 ? -11.001 -3.985  14.784  1.00 15.00 ? 101 ASP A CA  1 
ATOM   101 C CA  . LEU A 1 102 ? -11.994 -5.174  11.312  1.00 15.00 ? 102 LEU A CA  1 
ATOM   102 C CA  . GLN A 1 103 ? -14.031 -7.890  12.987  1.00 15.00 ? 103 GLN A CA  1 
ATOM   103 C CA  . LEU A 1 104 ? -12.424 -10.489 10.738  1.00 15.00 ? 104 LEU A CA  1 
ATOM   104 C CA  . GLU A 1 105 ? -11.440 -14.020 11.605  1.00 15.00 ? 105 GLU A CA  1 
ATOM   105 C CA  . TYR A 1 106 ? -8.374  -13.680 9.276   1.00 15.00 ? 106 TYR A CA  1 
ATOM   106 C CA  . LEU A 1 107 ? -6.542  -11.395 6.802   1.00 15.00 ? 107 LEU A CA  1 
ATOM   107 C CA  . ASP A 1 108 ? -5.706  -12.212 3.172   1.00 15.00 ? 108 ASP A CA  1 
ATOM   108 C CA  . LEU A 1 109 ? -2.437  -10.289 3.208   1.00 15.00 ? 109 LEU A CA  1 
ATOM   109 C CA  . TYR A 1 110 ? -0.481  -9.042  6.281   1.00 15.00 ? 110 TYR A CA  1 
ATOM   110 C CA  . LEU A 1 111 ? 2.485   -6.902  5.410   1.00 15.00 ? 111 LEU A CA  1 
ATOM   111 C CA  . MET A 1 112 ? 5.477   -5.548  7.220   1.00 15.00 ? 112 MET A CA  1 
ATOM   112 C CA  . HIS A 1 113 ? 4.741   -1.866  6.814   1.00 15.00 ? 113 HIS A CA  1 
ATOM   113 C CA  . TRP A 1 114 ? 8.406   -0.543  6.846   1.00 15.00 ? 114 TRP A CA  1 
ATOM   114 C CA  . PRO A 1 115 ? 11.775  -2.280  7.332   1.00 15.00 ? 115 PRO A CA  1 
ATOM   115 C CA  . TYR A 1 116 ? 13.292  -0.566  10.409  1.00 15.00 ? 116 TYR A CA  1 
ATOM   116 C CA  . ALA A 1 117 ? 11.828  -0.438  13.932  1.00 15.00 ? 117 ALA A CA  1 
ATOM   117 C CA  . PHE A 1 118 ? 10.429  2.324   16.142  1.00 15.00 ? 118 PHE A CA  1 
ATOM   118 C CA  . GLU A 1 119 ? 10.620  2.267   19.920  1.00 15.00 ? 119 GLU A CA  1 
ATOM   119 C CA  . ARG A 1 120 ? 8.432   -0.562  21.188  1.00 15.00 ? 120 ARG A CA  1 
ATOM   120 C CA  . GLY A 1 121 ? 5.267   0.246   23.108  1.00 15.00 ? 121 GLY A CA  1 
ATOM   121 C CA  . ASP A 1 122 ? 1.937   1.952   22.431  1.00 15.00 ? 122 ASP A CA  1 
ATOM   122 C CA  . ASN A 1 123 ? 3.440   5.123   21.001  1.00 15.00 ? 123 ASN A CA  1 
ATOM   123 C CA  . PRO A 1 124 ? 3.204   5.030   17.178  1.00 15.00 ? 124 PRO A CA  1 
ATOM   124 C CA  . PHE A 1 125 ? 5.801   7.767   16.951  1.00 15.00 ? 125 PHE A CA  1 
ATOM   125 C CA  . PRO A 1 126 ? 8.215   7.444   19.902  1.00 15.00 ? 126 PRO A CA  1 
ATOM   126 C CA  . LYS A 1 127 ? 9.998   10.778  19.738  1.00 15.00 ? 127 LYS A CA  1 
ATOM   127 C CA  . ASN A 1 128 ? 13.010  11.675  21.892  1.00 15.00 ? 128 ASN A CA  1 
ATOM   128 C CA  . ALA A 1 129 ? 14.370  14.910  23.323  1.00 15.00 ? 129 ALA A CA  1 
ATOM   129 C CA  . ASP A 1 130 ? 15.341  16.904  20.185  1.00 15.00 ? 130 ASP A CA  1 
ATOM   130 C CA  . GLY A 1 131 ? 12.347  15.728  18.242  1.00 15.00 ? 131 GLY A CA  1 
ATOM   131 C CA  . THR A 1 132 ? 13.844  12.666  16.645  1.00 15.00 ? 132 THR A CA  1 
ATOM   132 C CA  . ILE A 1 133 ? 12.261  9.202   16.393  1.00 15.00 ? 133 ILE A CA  1 
ATOM   133 C CA  . ARG A 1 134 ? 14.097  6.921   18.779  1.00 15.00 ? 134 ARG A CA  1 
ATOM   134 C CA  . TYR A 1 135 ? 14.393  3.715   16.806  1.00 15.00 ? 135 TYR A CA  1 
ATOM   135 C CA  . ASP A 1 136 ? 14.677  0.187   18.187  1.00 15.00 ? 136 ASP A CA  1 
ATOM   136 C CA  . ALA A 1 137 ? 17.276  -2.253  16.748  1.00 15.00 ? 137 ALA A CA  1 
ATOM   137 C CA  . THR A 1 138 ? 15.214  -5.298  15.964  1.00 15.00 ? 138 THR A CA  1 
ATOM   138 C CA  . HIS A 1 139 ? 16.073  -6.721  12.533  1.00 15.00 ? 139 HIS A CA  1 
ATOM   139 C CA  . TYR A 1 140 ? 13.402  -7.278  9.902   1.00 15.00 ? 140 TYR A CA  1 
ATOM   140 C CA  . LYS A 1 141 ? 14.460  -10.948 9.719   1.00 15.00 ? 141 LYS A CA  1 
ATOM   141 C CA  . ASP A 1 142 ? 13.333  -11.659 13.333  1.00 15.00 ? 142 ASP A CA  1 
ATOM   142 C CA  . THR A 1 143 ? 10.071  -9.795  12.737  1.00 15.00 ? 143 THR A CA  1 
ATOM   143 C CA  . TRP A 1 144 ? 9.643   -11.744 9.509   1.00 15.00 ? 144 TRP A CA  1 
ATOM   144 C CA  . LYS A 1 145 ? 10.129  -15.189 11.015  1.00 15.00 ? 145 LYS A CA  1 
ATOM   145 C CA  . ALA A 1 146 ? 7.681   -13.943 13.679  1.00 15.00 ? 146 ALA A CA  1 
ATOM   146 C CA  . LEU A 1 147 ? 5.113   -13.186 10.939  1.00 15.00 ? 147 LEU A CA  1 
ATOM   147 C CA  . GLU A 1 148 ? 5.335   -16.649 9.426   1.00 15.00 ? 148 GLU A CA  1 
ATOM   148 C CA  . ALA A 1 149 ? 4.118   -18.164 12.694  1.00 15.00 ? 149 ALA A CA  1 
ATOM   149 C CA  . LEU A 1 150 ? 0.862   -16.311 11.899  1.00 15.00 ? 150 LEU A CA  1 
ATOM   150 C CA  . VAL A 1 151 ? 0.171   -18.180 8.657   1.00 15.00 ? 151 VAL A CA  1 
ATOM   151 C CA  . ALA A 1 152 ? 0.448   -21.503 10.504  1.00 15.00 ? 152 ALA A CA  1 
ATOM   152 C CA  . LYS A 1 153 ? -2.598  -20.591 12.576  1.00 15.00 ? 153 LYS A CA  1 
ATOM   153 C CA  . GLY A 1 154 ? -4.818  -19.435 9.732   1.00 15.00 ? 154 GLY A CA  1 
ATOM   154 C CA  . LEU A 1 155 ? -5.049  -15.807 10.829  1.00 15.00 ? 155 LEU A CA  1 
ATOM   155 C CA  . VAL A 1 156 ? -3.153  -14.736 7.680   1.00 15.00 ? 156 VAL A CA  1 
ATOM   156 C CA  . ARG A 1 157 ? -3.083  -16.112 4.165   1.00 15.00 ? 157 ARG A CA  1 
ATOM   157 C CA  . ALA A 1 158 ? -0.102  -14.359 2.629   1.00 15.00 ? 158 ALA A CA  1 
ATOM   158 C CA  . LEU A 1 159 ? 2.711   -12.132 3.808   1.00 15.00 ? 159 LEU A CA  1 
ATOM   159 C CA  . GLY A 1 160 ? 4.515   -9.365  2.097   1.00 15.00 ? 160 GLY A CA  1 
ATOM   160 C CA  . LEU A 1 161 ? 6.903   -6.507  2.452   1.00 15.00 ? 161 LEU A CA  1 
ATOM   161 C CA  . SER A 1 162 ? 6.347   -2.795  2.216   1.00 15.00 ? 162 SER A CA  1 
ATOM   162 C CA  . ASN A 1 163 ? 8.981   -0.163  1.448   1.00 15.00 ? 163 ASN A CA  1 
ATOM   163 C CA  . PHE A 1 164 ? 11.701  -2.709  1.035   1.00 15.00 ? 164 PHE A CA  1 
ATOM   164 C CA  . SER A 1 165 ? 14.461  -2.585  -1.518  1.00 15.00 ? 165 SER A CA  1 
ATOM   165 C CA  . SER A 1 166 ? 15.936  -5.290  -3.729  1.00 15.00 ? 166 SER A CA  1 
ATOM   166 C CA  . ARG A 1 167 ? 18.571  -6.116  -1.080  1.00 15.00 ? 167 ARG A CA  1 
ATOM   167 C CA  . GLN A 1 168 ? 16.526  -6.240  2.129   1.00 15.00 ? 168 GLN A CA  1 
ATOM   168 C CA  . ILE A 1 169 ? 14.206  -8.252  -0.087  1.00 15.00 ? 169 ILE A CA  1 
ATOM   169 C CA  . ASP A 1 170 ? 16.996  -10.702 -1.206  1.00 15.00 ? 170 ASP A CA  1 
ATOM   170 C CA  . ASP A 1 171 ? 17.887  -10.578 2.428   1.00 15.00 ? 171 ASP A CA  1 
ATOM   171 C CA  . VAL A 1 172 ? 14.486  -11.662 3.664   1.00 15.00 ? 172 VAL A CA  1 
ATOM   172 C CA  . LEU A 1 173 ? 14.313  -14.430 1.051   1.00 15.00 ? 173 LEU A CA  1 
ATOM   173 C CA  . SER A 1 174 ? 17.449  -16.039 2.402   1.00 15.00 ? 174 SER A CA  1 
ATOM   174 C CA  . VAL A 1 175 ? 15.679  -16.472 5.743   1.00 15.00 ? 175 VAL A CA  1 
ATOM   175 C CA  . ALA A 1 176 ? 12.049  -17.353 4.866   1.00 15.00 ? 176 ALA A CA  1 
ATOM   176 C CA  . SER A 1 177 ? 9.916   -20.474 5.062   1.00 15.00 ? 177 SER A CA  1 
ATOM   177 C CA  . VAL A 1 178 ? 6.805   -18.658 3.726   1.00 15.00 ? 178 VAL A CA  1 
ATOM   178 C CA  . ARG A 1 179 ? 7.804   -16.691 0.589   1.00 15.00 ? 179 ARG A CA  1 
ATOM   179 C CA  . PRO A 1 180 ? 6.546   -13.096 0.610   1.00 15.00 ? 180 PRO A CA  1 
ATOM   180 C CA  . ALA A 1 181 ? 3.774   -12.529 -1.884  1.00 15.00 ? 181 ALA A CA  1 
ATOM   181 C CA  . VAL A 1 182 ? 3.399   -8.864  -2.727  1.00 15.00 ? 182 VAL A CA  1 
ATOM   182 C CA  . LEU A 1 183 ? 5.704   -5.890  -2.326  1.00 15.00 ? 183 LEU A CA  1 
ATOM   183 C CA  . GLN A 1 184 ? 3.917   -2.554  -1.793  1.00 15.00 ? 184 GLN A CA  1 
ATOM   184 C CA  . VAL A 1 185 ? 6.250   0.201   -2.862  1.00 15.00 ? 185 VAL A CA  1 
ATOM   185 C CA  . GLU A 1 186 ? 5.344   3.623   -4.276  1.00 15.00 ? 186 GLU A CA  1 
ATOM   186 C CA  . CYS A 1 187 ? 4.689   3.523   -8.023  1.00 15.00 ? 187 CYS A CA  1 
ATOM   187 C CA  . HIS A 1 188 ? 3.581   6.021   -10.697 1.00 15.00 ? 188 HIS A CA  1 
ATOM   188 C CA  . PRO A 1 189 ? 4.892   7.610   -14.010 1.00 15.00 ? 189 PRO A CA  1 
ATOM   189 C CA  . TYR A 1 190 ? 7.488   9.758   -12.130 1.00 15.00 ? 190 TYR A CA  1 
ATOM   190 C CA  . LEU A 1 191 ? 8.802   6.809   -10.089 1.00 15.00 ? 191 LEU A CA  1 
ATOM   191 C CA  . ALA A 1 192 ? 8.191   3.888   -12.432 1.00 15.00 ? 192 ALA A CA  1 
ATOM   192 C CA  . GLN A 1 193 ? 9.980   1.225   -10.260 1.00 15.00 ? 193 GLN A CA  1 
ATOM   193 C CA  . ASN A 1 194 ? 10.908  -0.831  -13.292 1.00 15.00 ? 194 ASN A CA  1 
ATOM   194 C CA  . GLU A 1 195 ? 14.205  -2.432  -12.369 1.00 15.00 ? 195 GLU A CA  1 
ATOM   195 C CA  . LEU A 1 196 ? 12.508  -3.319  -9.043  1.00 15.00 ? 196 LEU A CA  1 
ATOM   196 C CA  . ILE A 1 197 ? 9.191   -4.688  -10.365 1.00 15.00 ? 197 ILE A CA  1 
ATOM   197 C CA  . ALA A 1 198 ? 11.616  -6.714  -12.535 1.00 15.00 ? 198 ALA A CA  1 
ATOM   198 C CA  . HIS A 1 199 ? 13.412  -8.008  -9.456  1.00 15.00 ? 199 HIS A CA  1 
ATOM   199 C CA  . CYS A 1 200 ? 10.171  -8.886  -7.700  1.00 15.00 ? 200 CYS A CA  1 
ATOM   200 C CA  . GLN A 1 201 ? 8.930   -10.760 -10.759 1.00 15.00 ? 201 GLN A CA  1 
ATOM   201 C CA  . ALA A 1 202 ? 12.126  -12.775 -10.858 1.00 15.00 ? 202 ALA A CA  1 
ATOM   202 C CA  . ARG A 1 203 ? 11.523  -13.599 -7.190  1.00 15.00 ? 203 ARG A CA  1 
ATOM   203 C CA  . GLY A 1 204 ? 7.853   -14.373 -7.742  1.00 15.00 ? 204 GLY A CA  1 
ATOM   204 C CA  . LEU A 1 205 ? 6.476   -11.343 -5.905  1.00 15.00 ? 205 LEU A CA  1 
ATOM   205 C CA  . GLU A 1 206 ? 3.752   -9.168  -7.576  1.00 15.00 ? 206 GLU A CA  1 
ATOM   206 C CA  . VAL A 1 207 ? 3.907   -5.465  -6.986  1.00 15.00 ? 207 VAL A CA  1 
ATOM   207 C CA  . THR A 1 208 ? 1.247   -3.158  -5.568  1.00 15.00 ? 208 THR A CA  1 
ATOM   208 C CA  . ALA A 1 209 ? 1.896   0.474   -6.513  1.00 15.00 ? 209 ALA A CA  1 
ATOM   209 C CA  . TYR A 1 210 ? 0.768   2.725   -3.637  1.00 15.00 ? 210 TYR A CA  1 
ATOM   210 C CA  . SER A 1 211 ? 0.112   6.442   -4.078  1.00 15.00 ? 211 SER A CA  1 
ATOM   211 C CA  . PRO A 1 212 ? -0.586  5.788   -7.854  1.00 15.00 ? 212 PRO A CA  1 
ATOM   212 C CA  . LEU A 1 213 ? -2.213  9.244   -8.187  1.00 15.00 ? 213 LEU A CA  1 
ATOM   213 C CA  . GLY A 1 214 ? 0.520   11.419  -6.543  1.00 15.00 ? 214 GLY A CA  1 
ATOM   214 C CA  . SER A 1 215 ? -1.075  11.812  -3.053  1.00 15.00 ? 215 SER A CA  1 
ATOM   215 C CA  . SER A 1 216 ? -2.364  15.429  -3.254  1.00 15.00 ? 216 SER A CA  1 
ATOM   216 C CA  . ASP A 1 217 ? -3.670  14.677  0.190   1.00 15.00 ? 217 ASP A CA  1 
ATOM   217 C CA  . ARG A 1 218 ? -0.321  14.075  1.976   1.00 15.00 ? 218 ARG A CA  1 
ATOM   218 C CA  . ALA A 1 219 ? -0.582  16.693  4.691   1.00 15.00 ? 219 ALA A CA  1 
ATOM   219 C CA  . TRP A 1 220 ? 3.074   17.599  4.002   1.00 15.00 ? 220 TRP A CA  1 
ATOM   220 C CA  . ARG A 1 221 ? 2.618   18.556  0.378   1.00 15.00 ? 221 ARG A CA  1 
ATOM   221 C CA  . ASP A 1 222 ? 5.138   21.357  -0.416  1.00 15.00 ? 222 ASP A CA  1 
ATOM   222 C CA  . PRO A 1 223 ? 6.156   23.488  -2.243  1.00 15.00 ? 223 PRO A CA  1 
ATOM   223 C CA  . ASN A 1 224 ? 3.963   23.674  -5.412  1.00 15.00 ? 224 ASN A CA  1 
ATOM   224 C CA  . GLU A 1 225 ? 4.588   20.697  -7.870  1.00 15.00 ? 225 GLU A CA  1 
ATOM   225 C CA  . PRO A 1 226 ? 5.390   18.630  -10.080 1.00 15.00 ? 226 PRO A CA  1 
ATOM   226 C CA  . VAL A 1 227 ? 1.819   17.503  -9.609  1.00 15.00 ? 227 VAL A CA  1 
ATOM   227 C CA  . LEU A 1 228 ? 1.119   14.256  -11.482 1.00 15.00 ? 228 LEU A CA  1 
ATOM   228 C CA  . LEU A 1 229 ? -2.609  14.651  -12.100 1.00 15.00 ? 229 LEU A CA  1 
ATOM   229 C CA  . GLU A 1 230 ? -1.747  17.809  -14.051 1.00 15.00 ? 230 GLU A CA  1 
ATOM   230 C CA  . GLU A 1 231 ? 1.327   16.437  -15.857 1.00 15.00 ? 231 GLU A CA  1 
ATOM   231 C CA  . PRO A 1 232 ? 0.428   17.349  -19.534 1.00 15.00 ? 232 PRO A CA  1 
ATOM   232 C CA  . VAL A 1 233 ? 1.221   14.012  -21.242 1.00 15.00 ? 233 VAL A CA  1 
ATOM   233 C CA  . VAL A 1 234 ? -1.463  12.809  -18.802 1.00 15.00 ? 234 VAL A CA  1 
ATOM   234 C CA  . GLN A 1 235 ? -3.902  15.734  -19.480 1.00 15.00 ? 235 GLN A CA  1 
ATOM   235 C CA  . ALA A 1 236 ? -3.454  15.028  -23.180 1.00 15.00 ? 236 ALA A CA  1 
ATOM   236 C CA  . LEU A 1 237 ? -3.969  11.260  -23.161 1.00 15.00 ? 237 LEU A CA  1 
ATOM   237 C CA  . ALA A 1 238 ? -6.858  11.929  -20.804 1.00 15.00 ? 238 ALA A CA  1 
ATOM   238 C CA  . GLU A 1 239 ? -9.000  14.023  -23.156 1.00 15.00 ? 239 GLU A CA  1 
ATOM   239 C CA  . LYS A 1 240 ? -8.144  11.619  -25.972 1.00 15.00 ? 240 LYS A CA  1 
ATOM   240 C CA  . TYR A 1 241 ? -10.349 8.994   -24.277 1.00 15.00 ? 241 TYR A CA  1 
ATOM   241 C CA  . ASN A 1 242 ? -13.178 11.125  -22.834 1.00 15.00 ? 242 ASN A CA  1 
ATOM   242 C CA  . ARG A 1 243 ? -11.380 9.903   -19.666 1.00 15.00 ? 243 ARG A CA  1 
ATOM   243 C CA  . SER A 1 244 ? -9.822  11.523  -16.628 1.00 15.00 ? 244 SER A CA  1 
ATOM   244 C CA  . PRO A 1 245 ? -6.179  12.060  -15.785 1.00 15.00 ? 245 PRO A CA  1 
ATOM   245 C CA  . ALA A 1 246 ? -6.631  9.839   -12.701 1.00 15.00 ? 246 ALA A CA  1 
ATOM   246 C CA  . GLN A 1 247 ? -7.681  6.929   -15.014 1.00 15.00 ? 247 GLN A CA  1 
ATOM   247 C CA  . ILE A 1 248 ? -4.793  7.486   -17.416 1.00 15.00 ? 248 ILE A CA  1 
ATOM   248 C CA  . LEU A 1 249 ? -2.497  7.085   -14.404 1.00 15.00 ? 249 LEU A CA  1 
ATOM   249 C CA  . LEU A 1 250 ? -4.526  4.046   -13.270 1.00 15.00 ? 250 LEU A CA  1 
ATOM   250 C CA  . ARG A 1 251 ? -4.906  2.354   -16.653 1.00 15.00 ? 251 ARG A CA  1 
ATOM   251 C CA  . TRP A 1 252 ? -1.176  2.971   -17.284 1.00 15.00 ? 252 TRP A CA  1 
ATOM   252 C CA  . GLN A 1 253 ? -0.614  0.800   -14.253 1.00 15.00 ? 253 GLN A CA  1 
ATOM   253 C CA  . VAL A 1 254 ? -3.273  -1.860  -14.806 1.00 15.00 ? 254 VAL A CA  1 
ATOM   254 C CA  . GLN A 1 255 ? -1.613  -2.288  -18.173 1.00 15.00 ? 255 GLN A CA  1 
ATOM   255 C CA  . ARG A 1 256 ? 1.931   -3.093  -16.973 1.00 15.00 ? 256 ARG A CA  1 
ATOM   256 C CA  . LYS A 1 257 ? 0.115   -5.354  -14.449 1.00 15.00 ? 257 LYS A CA  1 
ATOM   257 C CA  . VAL A 1 258 ? 0.846   -3.420  -11.319 1.00 15.00 ? 258 VAL A CA  1 
ATOM   258 C CA  . ILE A 1 259 ? -2.001  -3.483  -8.748  1.00 15.00 ? 259 ILE A CA  1 
ATOM   259 C CA  . CYS A 1 260 ? -2.879  0.068   -7.595  1.00 15.00 ? 260 CYS A CA  1 
ATOM   260 C CA  . ILE A 1 261 ? -4.786  1.075   -4.509  1.00 15.00 ? 261 ILE A CA  1 
ATOM   261 C CA  . PRO A 1 262 ? -5.579  4.827   -4.957  1.00 15.00 ? 262 PRO A CA  1 
ATOM   262 C CA  . LYS A 1 263 ? -7.548  6.461   -2.156  1.00 15.00 ? 263 LYS A CA  1 
ATOM   263 C CA  . SER A 1 264 ? -10.694 8.531   -2.429  1.00 15.00 ? 264 SER A CA  1 
ATOM   264 C CA  . VAL A 1 265 ? -13.663 9.181   -0.138  1.00 15.00 ? 265 VAL A CA  1 
ATOM   265 C CA  . THR A 1 266 ? -15.691 10.773  -2.931  1.00 15.00 ? 266 THR A CA  1 
ATOM   266 C CA  . PRO A 1 267 ? -18.222 8.300   -4.480  1.00 15.00 ? 267 PRO A CA  1 
ATOM   267 C CA  . SER A 1 268 ? -17.802 9.491   -8.085  1.00 15.00 ? 268 SER A CA  1 
ATOM   268 C CA  . ARG A 1 269 ? -14.091 9.023   -8.143  1.00 15.00 ? 269 ARG A CA  1 
ATOM   269 C CA  . ILE A 1 270 ? -14.146 5.889   -6.021  1.00 15.00 ? 270 ILE A CA  1 
ATOM   270 C CA  . PRO A 1 271 ? -16.174 4.514   -8.936  1.00 15.00 ? 271 PRO A CA  1 
ATOM   271 C CA  . GLN A 1 272 ? -14.637 6.151   -11.986 1.00 15.00 ? 272 GLN A CA  1 
ATOM   272 C CA  . ASN A 1 273 ? -11.337 4.925   -10.477 1.00 15.00 ? 273 ASN A CA  1 
ATOM   273 C CA  . ILE A 1 274 ? -11.926 1.254   -11.051 1.00 15.00 ? 274 ILE A CA  1 
ATOM   274 C CA  . GLN A 1 275 ? -13.382 1.713   -14.518 1.00 15.00 ? 275 GLN A CA  1 
ATOM   275 C CA  . VAL A 1 276 ? -10.108 1.189   -16.334 1.00 15.00 ? 276 VAL A CA  1 
ATOM   276 C CA  . PHE A 1 277 ? -11.036 -2.006  -18.131 1.00 15.00 ? 277 PHE A CA  1 
ATOM   277 C CA  . ASP A 1 278 ? -13.004 -0.532  -21.038 1.00 15.00 ? 278 ASP A CA  1 
ATOM   278 C CA  . PHE A 1 279 ? -10.119 1.227   -22.803 1.00 15.00 ? 279 PHE A CA  1 
ATOM   279 C CA  . THR A 1 280 ? -6.535  0.376   -23.671 1.00 15.00 ? 280 THR A CA  1 
ATOM   280 C CA  . PHE A 1 281 ? -3.419  2.463   -24.317 1.00 15.00 ? 281 PHE A CA  1 
ATOM   281 C CA  . SER A 1 282 ? -1.343  1.932   -27.403 1.00 15.00 ? 282 SER A CA  1 
ATOM   282 C CA  . PRO A 1 283 ? 2.252   0.667   -27.371 1.00 15.00 ? 283 PRO A CA  1 
ATOM   283 C CA  . GLU A 1 284 ? 3.054   4.099   -28.686 1.00 15.00 ? 284 GLU A CA  1 
ATOM   284 C CA  . GLU A 1 285 ? 1.365   5.871   -25.805 1.00 15.00 ? 285 GLU A CA  1 
ATOM   285 C CA  . MET A 1 286 ? 2.771   3.614   -23.067 1.00 15.00 ? 286 MET A CA  1 
ATOM   286 C CA  . LYS A 1 287 ? 6.174   5.104   -23.852 1.00 15.00 ? 287 LYS A CA  1 
ATOM   287 C CA  . GLN A 1 288 ? 4.691   8.595   -23.281 1.00 15.00 ? 288 GLN A CA  1 
ATOM   288 C CA  . LEU A 1 289 ? 4.348   7.884   -19.580 1.00 15.00 ? 289 LEU A CA  1 
ATOM   289 C CA  . ASP A 1 290 ? 7.564   5.892   -19.522 1.00 15.00 ? 290 ASP A CA  1 
ATOM   290 C CA  . ALA A 1 291 ? 9.546   8.902   -20.625 1.00 15.00 ? 291 ALA A CA  1 
ATOM   291 C CA  . LEU A 1 292 ? 8.073   10.659  -17.491 1.00 15.00 ? 292 LEU A CA  1 
ATOM   292 C CA  . ASN A 1 293 ? 10.089  8.849   -14.765 1.00 15.00 ? 293 ASN A CA  1 
ATOM   293 C CA  . LYS A 1 294 ? 12.824  10.750  -12.970 1.00 15.00 ? 294 LYS A CA  1 
ATOM   294 C CA  . ASN A 1 295 ? 12.726  8.941   -9.591  1.00 15.00 ? 295 ASN A CA  1 
ATOM   295 C CA  . LEU A 1 296 ? 10.612  11.528  -7.756  1.00 15.00 ? 296 LEU A CA  1 
ATOM   296 C CA  . ARG A 1 297 ? 9.298   10.284  -4.435  1.00 15.00 ? 297 ARG A CA  1 
ATOM   297 C CA  . PHE A 1 298 ? 6.238   11.938  -3.070  1.00 15.00 ? 298 PHE A CA  1 
ATOM   298 C CA  . ILE A 1 299 ? 6.305   9.899   0.129   1.00 15.00 ? 299 ILE A CA  1 
ATOM   299 C CA  . VAL A 1 300 ? 9.612   10.594  1.819   1.00 15.00 ? 300 VAL A CA  1 
ATOM   300 C CA  . PRO A 1 301 ? 8.483   11.007  5.520   1.00 15.00 ? 301 PRO A CA  1 
ATOM   301 C CA  . MET A 1 302 ? 8.656   14.449  7.297   1.00 15.00 ? 302 MET A CA  1 
ATOM   302 C CA  . LEU A 1 303 ? 10.858  16.277  9.826   1.00 15.00 ? 303 LEU A CA  1 
ATOM   303 C CA  . THR A 1 304 ? 9.237   18.410  12.525  1.00 15.00 ? 304 THR A CA  1 
ATOM   304 C CA  . VAL A 1 305 ? 7.067   21.598  11.967  1.00 15.00 ? 305 VAL A CA  1 
ATOM   305 C CA  . ASP A 1 306 ? 9.958   23.866  12.975  1.00 15.00 ? 306 ASP A CA  1 
ATOM   306 C CA  . GLY A 1 307 ? 13.032  23.084  10.817  1.00 15.00 ? 307 GLY A CA  1 
ATOM   307 C CA  . LYS A 1 308 ? 16.751  22.347  11.579  1.00 15.00 ? 308 LYS A CA  1 
ATOM   308 C CA  . ARG A 1 309 ? 17.369  19.168  9.471   1.00 15.00 ? 309 ARG A CA  1 
ATOM   309 C CA  . VAL A 1 310 ? 15.273  17.789  6.557   1.00 15.00 ? 310 VAL A CA  1 
ATOM   310 C CA  . PRO A 1 311 ? 14.538  14.087  7.397   1.00 15.00 ? 311 PRO A CA  1 
ATOM   311 C CA  . ARG A 1 312 ? 12.671  12.464  10.305  1.00 15.00 ? 312 ARG A CA  1 
ATOM   312 C CA  . ASP A 1 313 ? 14.748  9.268   9.674   1.00 15.00 ? 313 ASP A CA  1 
ATOM   313 C CA  . ALA A 1 314 ? 16.792  9.507   6.407   1.00 15.00 ? 314 ALA A CA  1 
ATOM   314 C CA  . GLY A 1 315 ? 19.901  8.768   8.340   1.00 15.00 ? 315 GLY A CA  1 
ATOM   315 C CA  . HIS A 1 316 ? 18.775  5.319   9.370   1.00 15.00 ? 316 HIS A CA  1 
ATOM   316 C CA  . PRO A 1 317 ? 21.454  2.946   7.917   1.00 15.00 ? 317 PRO A CA  1 
ATOM   317 C CA  . LEU A 1 318 ? 18.759  0.360   7.188   1.00 15.00 ? 318 LEU A CA  1 
ATOM   318 C CA  . TYR A 1 319 ? 16.932  3.013   5.048   1.00 15.00 ? 319 TYR A CA  1 
ATOM   319 C CA  . PRO A 1 320 ? 15.336  1.556   1.872   1.00 15.00 ? 320 PRO A CA  1 
ATOM   320 C CA  . PHE A 1 321 ? 15.668  4.504   -0.549  1.00 15.00 ? 321 PHE A CA  1 
ATOM   321 C CA  . ASN A 1 322 ? 19.477  4.137   -0.383  1.00 15.00 ? 322 ASN A CA  1 
ATOM   322 C CA  . ASP A 1 323 ? 20.122  1.002   -2.478  1.00 15.00 ? 323 ASP A CA  1 
ATOM   323 C CA  . PRO A 1 324 ? 20.225  2.776   -5.938  1.00 15.00 ? 324 PRO A CA  1 
ATOM   324 C CA  . TYR A 1 325 ? 17.008  3.944   -7.697  1.00 15.00 ? 325 TYR A CA  1 
HETATM 325 P PA  . NAP B 2 .   ? -3.324  8.665   -3.998  1.00 15.43 ? 350 NAP A PA  1 
HETATM 326 O O1A . NAP B 2 .   ? -2.280  8.827   -4.995  1.00 14.45 ? 350 NAP A O1A 1 
HETATM 327 O O2A . NAP B 2 .   ? -4.422  7.722   -4.244  1.00 17.30 ? 350 NAP A O2A 1 
HETATM 328 O O5B . NAP B 2 .   ? -3.808  10.164  -3.927  1.00 15.13 ? 350 NAP A O5B 1 
HETATM 329 C C5B . NAP B 2 .   ? -5.082  10.336  -3.381  1.00 14.86 ? 350 NAP A C5B 1 
HETATM 330 C C4B . NAP B 2 .   ? -5.341  11.744  -3.762  1.00 17.86 ? 350 NAP A C4B 1 
HETATM 331 O O4B . NAP B 2 .   ? -5.975  11.743  -5.025  1.00 18.33 ? 350 NAP A O4B 1 
HETATM 332 C C3B . NAP B 2 .   ? -6.396  12.315  -2.868  1.00 18.97 ? 350 NAP A C3B 1 
HETATM 333 O O3B . NAP B 2 .   ? -6.512  13.750  -3.144  1.00 23.21 ? 350 NAP A O3B 1 
HETATM 334 C C2B . NAP B 2 .   ? -7.683  11.582  -3.204  1.00 20.05 ? 350 NAP A C2B 1 
HETATM 335 O O2B . NAP B 2 .   ? -8.695  12.292  -2.386  1.00 20.02 ? 350 NAP A O2B 1 
HETATM 336 C C1B . NAP B 2 .   ? -7.401  11.841  -4.703  1.00 20.67 ? 350 NAP A C1B 1 
HETATM 337 N N9A . NAP B 2 .   ? -8.220  11.211  -5.748  1.00 21.86 ? 350 NAP A N9A 1 
HETATM 338 C C8A . NAP B 2 .   ? -8.868  10.028  -5.843  1.00 21.71 ? 350 NAP A C8A 1 
HETATM 339 N N7A . NAP B 2 .   ? -9.466  9.851   -7.015  1.00 20.26 ? 350 NAP A N7A 1 
HETATM 340 C C5A . NAP B 2 .   ? -9.112  10.950  -7.647  1.00 22.22 ? 350 NAP A C5A 1 
HETATM 341 C C6A . NAP B 2 .   ? -9.476  11.244  -8.929  1.00 20.74 ? 350 NAP A C6A 1 
HETATM 342 N N6A . NAP B 2 .   ? -10.213 10.375  -9.607  1.00 21.15 ? 350 NAP A N6A 1 
HETATM 343 N N1A . NAP B 2 .   ? -9.042  12.417  -9.387  1.00 19.79 ? 350 NAP A N1A 1 
HETATM 344 C C2A . NAP B 2 .   ? -8.244  13.219  -8.671  1.00 20.55 ? 350 NAP A C2A 1 
HETATM 345 N N3A . NAP B 2 .   ? -7.830  12.958  -7.436  1.00 20.30 ? 350 NAP A N3A 1 
HETATM 346 C C4A . NAP B 2 .   ? -8.268  11.792  -6.932  1.00 22.44 ? 350 NAP A C4A 1 
HETATM 347 O O3  . NAP B 2 .   ? -2.984  8.481   -2.415  1.00 18.09 ? 350 NAP A O3  1 
HETATM 348 P PN  . NAP B 2 .   ? -2.321  7.644   -1.154  1.00 16.05 ? 350 NAP A PN  1 
HETATM 349 O O1N . NAP B 2 .   ? -3.309  7.519   -0.079  1.00 13.60 ? 350 NAP A O1N 1 
HETATM 350 O O2N . NAP B 2 .   ? -1.028  8.238   -0.840  1.00 15.17 ? 350 NAP A O2N 1 
HETATM 351 O O5D . NAP B 2 .   ? -1.936  6.198   -1.714  1.00 15.89 ? 350 NAP A O5D 1 
HETATM 352 C C5D . NAP B 2 .   ? -2.980  5.274   -1.919  1.00 15.45 ? 350 NAP A C5D 1 
HETATM 353 C C4D . NAP B 2 .   ? -3.138  4.353   -0.755  1.00 15.13 ? 350 NAP A C4D 1 
HETATM 354 O O4D . NAP B 2 .   ? -1.905  3.662   -0.769  1.00 19.02 ? 350 NAP A O4D 1 
HETATM 355 C C3D . NAP B 2 .   ? -3.150  4.927   0.624   1.00 14.59 ? 350 NAP A C3D 1 
HETATM 356 O O3D . NAP B 2 .   ? -4.425  5.146   1.175   1.00 16.31 ? 350 NAP A O3D 1 
HETATM 357 C C2D . NAP B 2 .   ? -2.692  3.756   1.400   1.00 15.26 ? 350 NAP A C2D 1 
HETATM 358 O O2D . NAP B 2 .   ? -3.683  2.785   1.229   1.00 12.63 ? 350 NAP A O2D 1 
HETATM 359 C C1D . NAP B 2 .   ? -1.509  3.354   0.594   1.00 15.95 ? 350 NAP A C1D 1 
HETATM 360 N N1N . NAP B 2 .   ? -0.188  3.823   1.087   1.00 14.97 ? 350 NAP A N1N 1 
HETATM 361 C C2N . NAP B 2 .   ? 0.620   2.851   1.694   1.00 15.96 ? 350 NAP A C2N 1 
HETATM 362 C C3N . NAP B 2 .   ? 1.925   3.139   2.102   1.00 16.69 ? 350 NAP A C3N 1 
HETATM 363 C C7N . NAP B 2 .   ? 2.843   2.008   2.587   1.00 13.46 ? 350 NAP A C7N 1 
HETATM 364 O O7N . NAP B 2 .   ? 3.868   2.311   3.160   1.00 15.49 ? 350 NAP A O7N 1 
HETATM 365 N N7N . NAP B 2 .   ? 2.482   0.741   2.372   1.00 15.25 ? 350 NAP A N7N 1 
HETATM 366 C C4N . NAP B 2 .   ? 2.383   4.462   1.976   1.00 17.10 ? 350 NAP A C4N 1 
HETATM 367 C C5N . NAP B 2 .   ? 1.588   5.474   1.426   1.00 17.04 ? 350 NAP A C5N 1 
HETATM 368 C C6N . NAP B 2 .   ? 0.306   5.140   0.956   1.00 16.90 ? 350 NAP A C6N 1 
HETATM 369 P P2B . NAP B 2 .   ? -10.315 12.292  -2.510  1.00 20.41 ? 350 NAP A P2B 1 
HETATM 370 O O1X . NAP B 2 .   ? -10.942 11.511  -1.412  1.00 23.31 ? 350 NAP A O1X 1 
HETATM 371 O O2X . NAP B 2 .   ? -10.775 13.681  -2.441  1.00 23.17 ? 350 NAP A O2X 1 
HETATM 372 O O3X . NAP B 2 .   ? -10.473 11.727  -3.883  1.00 25.85 ? 350 NAP A O3X 1 
HETATM 373 C C1  . TOL C 3 .   ? 7.953   9.382   10.090  1.00 20.51 ? 600 TOL A C1  1 
HETATM 374 F F1  . TOL C 3 .   ? 7.276   10.002  11.094  1.00 21.53 ? 600 TOL A F1  1 
HETATM 375 F F2  . TOL C 3 .   ? 8.429   10.337  9.251   1.00 23.52 ? 600 TOL A F2  1 
HETATM 376 F F3  . TOL C 3 .   ? 9.032   8.771   10.647  1.00 22.82 ? 600 TOL A F3  1 
HETATM 377 C C2  . TOL C 3 .   ? 7.038   8.381   9.351   1.00 24.77 ? 600 TOL A C2  1 
HETATM 378 C C3  . TOL C 3 .   ? 7.423   7.056   9.018   1.00 27.92 ? 600 TOL A C3  1 
HETATM 379 O O1  . TOL C 3 .   ? 8.626   6.624   9.344   1.00 35.16 ? 600 TOL A O1  1 
HETATM 380 C C4  . TOL C 3 .   ? 9.062   5.539   8.541   1.00 14.87 ? 600 TOL A C4  1 
HETATM 381 C C5  . TOL C 3 .   ? 6.510   6.220   8.335   1.00 20.03 ? 600 TOL A C5  1 
HETATM 382 C C6  . TOL C 3 .   ? 5.237   6.684   7.988   1.00 16.41 ? 600 TOL A C6  1 
HETATM 383 C C7  . TOL C 3 .   ? 4.852   8.000   8.315   1.00 15.04 ? 600 TOL A C7  1 
HETATM 384 C C8  . TOL C 3 .   ? 3.562   8.456   7.957   1.00 21.31 ? 600 TOL A C8  1 
HETATM 385 C C9  . TOL C 3 .   ? 3.178   9.767   8.285   1.00 15.86 ? 600 TOL A C9  1 
HETATM 386 C C10 . TOL C 3 .   ? 4.062   10.615  8.956   1.00 19.46 ? 600 TOL A C10 1 
HETATM 387 C C11 . TOL C 3 .   ? 5.338   10.158  9.309   1.00 27.40 ? 600 TOL A C11 1 
HETATM 388 C C12 . TOL C 3 .   ? 5.747   8.849   8.994   1.00 19.44 ? 600 TOL A C12 1 
HETATM 389 C C13 . TOL C 3 .   ? 2.545   7.609   7.230   1.00 21.56 ? 600 TOL A C13 1 
HETATM 390 S S1  . TOL C 3 .   ? 1.312   6.822   8.122   1.00 24.56 ? 600 TOL A S1  1 
HETATM 391 N N1  . TOL C 3 .   ? 2.609   7.496   5.903   1.00 22.78 ? 600 TOL A N1  1 
HETATM 392 C C14 . TOL C 3 .   ? 3.602   8.261   5.157   1.00 21.56 ? 600 TOL A C14 1 
HETATM 393 C C15 . TOL C 3 .   ? 1.693   6.634   5.162   1.00 20.07 ? 600 TOL A C15 1 
HETATM 394 C C16 . TOL C 3 .   ? 2.034   5.145   5.359   1.00 22.27 ? 600 TOL A C16 1 
HETATM 395 O O2  . TOL C 3 .   ? 1.295   4.266   5.002   1.00 30.90 ? 600 TOL A O2  1 
HETATM 396 O O3  . TOL C 3 .   ? 3.209   4.899   5.947   1.00 29.95 ? 600 TOL A O3  1 
# 
